data_7D5I
#
_entry.id   7D5I
#
_cell.length_a   1.00
_cell.length_b   1.00
_cell.length_c   1.00
_cell.angle_alpha   90.00
_cell.angle_beta   90.00
_cell.angle_gamma   90.00
#
_symmetry.space_group_name_H-M   'P 1'
#
loop_
_entity.id
_entity.type
_entity.pdbx_description
1 polymer 'Cytochrome D ubiquinol oxidase subunit 1'
2 polymer 'Integral membrane cytochrome D ubiquinol oxidase (Subunit II) CydB'
3 non-polymer 'HEME B/C'
4 non-polymer 'CIS-HEME D HYDROXYCHLORIN GAMMA-SPIROLACTONE'
#
loop_
_entity_poly.entity_id
_entity_poly.type
_entity_poly.pdbx_seq_one_letter_code
_entity_poly.pdbx_strand_id
1 'polypeptide(L)'
;MDALDLSRWQFGITTVYHFIFVPLTIGLAPLIAVMQTVWVATGNDTWYRLTRFFGKLFLINFAIGVATGIVQEFQFGMNW
SEYSRFVGDIFGAPLAMEGLAAFFFESTFIGLWIFGWTRLPRWLHLACIWIVAIAVNLSAFFIISANSFMQHPVGARFNP
ETGRAELESIFALFTNNTAIAAFTHAVSGAFLTAGVFVACVCAWWMVRSHRTGGESAADAATMYRPATILGCWVTLVAAV
ALFFTGDAQGKLMFEQQPMKMASAESLCHSEQDPSFSVLTVGTHNNCDSVVHLIEVPYVLPFLAEGKFSGVHLDGVVDLQ
RSYEEKFGPGDYRPNLFVTYWSFRAMIGFLAVPGLFALAALWLTRGGRIPDQRWFSWFALLTIPTPFLANSAGWVFTEMG
RQPWVVVPNPTGDQDIRLTVAQGVSDHSVGLVVLSLVAFTLVYAVLAVIWFFLLRRYIVQGPSEHDSEPAAPRPPDADDV
APLSFAY
;
A
2 'polypeptide(L)'
;MGLQELWFILLAVLFLGFFLLEGFDFGVGMLMSFFGRAAEKRGQDPEPYRRAALNTIGPVWDGNEVWLITAGGAMFAAFP
EMYASMFSGLYLALLVILCAMILRIVAIEWRGKIDDPGWRRWADTGIAVGSWVPAILWGVAFASLVRGLPVDADKQIHLS
FFGDLLNAYTLLGGLATCALFAFHGAVFVSLKTSGEIRTDAFGFARLLALPATALVAAFGVWTQVAHGTGWTWIVLAAAV
IAQLVAVAQVFRGSGEGWAFGATSVVVAAVVVLLFGSLFPDLIPSTLNPDWSLTIYNGSSSPYTLKIMTWAALVFAPLVV
VYQGWTYWVFSKRISADRIPAPIGLSRRSSHHHHHHHHHH
;
B
#
# COMPACT_ATOMS: atom_id res chain seq x y z
N MET A 1 4.20 23.19 19.19
CA MET A 1 3.40 23.78 20.26
C MET A 1 2.29 22.82 20.66
N ASP A 2 1.13 22.94 20.03
CA ASP A 2 0.02 22.03 20.25
C ASP A 2 -0.03 20.91 19.24
N ALA A 3 1.13 20.56 18.65
CA ALA A 3 1.18 19.52 17.64
C ALA A 3 0.87 18.13 18.18
N LEU A 4 0.82 17.97 19.51
CA LEU A 4 0.59 16.64 20.08
C LEU A 4 -0.83 16.16 19.80
N ASP A 5 -1.83 16.97 20.17
CA ASP A 5 -3.21 16.58 19.93
C ASP A 5 -3.50 16.43 18.45
N LEU A 6 -2.94 17.33 17.63
CA LEU A 6 -3.16 17.25 16.19
C LEU A 6 -2.53 15.98 15.62
N SER A 7 -1.36 15.60 16.11
CA SER A 7 -0.70 14.39 15.63
C SER A 7 -1.49 13.15 16.01
N ARG A 8 -1.97 13.10 17.25
CA ARG A 8 -2.80 11.98 17.68
C ARG A 8 -4.05 11.87 16.83
N TRP A 9 -4.74 13.00 16.61
CA TRP A 9 -5.93 13.00 15.79
C TRP A 9 -5.63 12.51 14.38
N GLN A 10 -4.54 12.98 13.79
CA GLN A 10 -4.20 12.60 12.42
C GLN A 10 -3.95 11.10 12.32
N PHE A 11 -3.15 10.56 13.23
CA PHE A 11 -2.81 9.14 13.13
C PHE A 11 -4.06 8.29 13.33
N GLY A 12 -4.92 8.68 14.27
CA GLY A 12 -6.16 7.95 14.47
C GLY A 12 -7.06 7.98 13.25
N ILE A 13 -7.31 9.17 12.70
CA ILE A 13 -8.14 9.30 11.51
C ILE A 13 -7.63 8.39 10.40
N THR A 14 -6.33 8.44 10.14
CA THR A 14 -5.80 7.72 8.99
C THR A 14 -5.86 6.21 9.20
N THR A 15 -5.54 5.73 10.40
CA THR A 15 -5.60 4.29 10.63
C THR A 15 -7.03 3.77 10.62
N VAL A 16 -8.00 4.55 11.08
CA VAL A 16 -9.39 4.13 10.98
C VAL A 16 -9.84 4.06 9.52
N TYR A 17 -9.43 5.05 8.72
CA TYR A 17 -9.69 4.97 7.29
C TYR A 17 -9.13 3.70 6.68
N HIS A 18 -7.90 3.33 7.05
CA HIS A 18 -7.27 2.14 6.49
C HIS A 18 -8.03 0.88 6.89
N PHE A 19 -8.38 0.77 8.17
CA PHE A 19 -9.02 -0.46 8.62
C PHE A 19 -10.52 -0.49 8.32
N ILE A 20 -11.08 0.54 7.71
CA ILE A 20 -12.41 0.37 7.13
C ILE A 20 -12.36 -0.62 5.98
N PHE A 21 -11.27 -0.60 5.19
CA PHE A 21 -11.16 -1.42 3.99
C PHE A 21 -10.33 -2.68 4.19
N VAL A 22 -9.40 -2.70 5.15
CA VAL A 22 -8.55 -3.89 5.34
C VAL A 22 -9.34 -5.18 5.55
N PRO A 23 -10.28 -5.27 6.49
CA PRO A 23 -10.87 -6.59 6.79
C PRO A 23 -11.67 -7.17 5.64
N LEU A 24 -12.31 -6.34 4.82
CA LEU A 24 -13.01 -6.87 3.67
C LEU A 24 -12.05 -7.59 2.72
N THR A 25 -10.88 -6.99 2.48
CA THR A 25 -9.87 -7.65 1.66
C THR A 25 -9.43 -8.96 2.29
N ILE A 26 -9.02 -8.92 3.57
CA ILE A 26 -8.46 -10.10 4.21
C ILE A 26 -9.46 -11.24 4.26
N GLY A 27 -10.75 -10.94 4.38
CA GLY A 27 -11.74 -11.99 4.46
C GLY A 27 -12.26 -12.43 3.11
N LEU A 28 -12.22 -11.55 2.11
CA LEU A 28 -12.80 -11.85 0.81
C LEU A 28 -11.83 -12.51 -0.15
N ALA A 29 -10.52 -12.38 0.07
CA ALA A 29 -9.60 -13.12 -0.79
C ALA A 29 -9.79 -14.64 -0.68
N PRO A 30 -9.82 -15.26 0.51
CA PRO A 30 -10.00 -16.72 0.56
C PRO A 30 -11.36 -17.18 0.09
N LEU A 31 -12.41 -16.39 0.28
CA LEU A 31 -13.73 -16.80 -0.18
C LEU A 31 -13.78 -16.86 -1.70
N ILE A 32 -13.17 -15.88 -2.37
CA ILE A 32 -13.09 -15.93 -3.83
C ILE A 32 -12.22 -17.08 -4.28
N ALA A 33 -11.14 -17.36 -3.55
CA ALA A 33 -10.32 -18.53 -3.88
C ALA A 33 -11.13 -19.81 -3.82
N VAL A 34 -11.94 -19.97 -2.77
CA VAL A 34 -12.77 -21.16 -2.64
C VAL A 34 -13.82 -21.22 -3.74
N MET A 35 -14.43 -20.08 -4.07
CA MET A 35 -15.45 -20.06 -5.11
C MET A 35 -14.88 -20.40 -6.47
N GLN A 36 -13.61 -20.06 -6.71
CA GLN A 36 -12.99 -20.46 -7.97
C GLN A 36 -12.54 -21.92 -7.95
N THR A 37 -12.10 -22.41 -6.79
CA THR A 37 -11.69 -23.81 -6.70
C THR A 37 -12.87 -24.75 -6.92
N VAL A 38 -14.04 -24.40 -6.36
CA VAL A 38 -15.20 -25.27 -6.53
C VAL A 38 -15.70 -25.24 -7.96
N TRP A 39 -15.38 -24.20 -8.73
CA TRP A 39 -15.72 -24.20 -10.15
C TRP A 39 -14.73 -25.03 -10.94
N VAL A 40 -13.43 -24.90 -10.65
CA VAL A 40 -12.44 -25.69 -11.37
C VAL A 40 -12.59 -27.18 -11.07
N ALA A 41 -13.14 -27.52 -9.90
CA ALA A 41 -13.31 -28.92 -9.55
C ALA A 41 -14.57 -29.52 -10.16
N THR A 42 -15.73 -28.90 -9.90
CA THR A 42 -16.99 -29.50 -10.34
C THR A 42 -17.29 -29.22 -11.81
N GLY A 43 -16.92 -28.03 -12.30
CA GLY A 43 -17.26 -27.64 -13.65
C GLY A 43 -18.57 -26.89 -13.77
N ASN A 44 -19.31 -26.73 -12.69
CA ASN A 44 -20.58 -26.01 -12.72
C ASN A 44 -20.33 -24.52 -12.93
N ASP A 45 -20.87 -23.97 -14.01
CA ASP A 45 -20.62 -22.57 -14.35
C ASP A 45 -21.36 -21.60 -13.43
N THR A 46 -22.14 -22.09 -12.48
CA THR A 46 -22.81 -21.19 -11.54
C THR A 46 -21.80 -20.47 -10.66
N TRP A 47 -20.74 -21.17 -10.24
CA TRP A 47 -19.73 -20.55 -9.39
C TRP A 47 -18.79 -19.65 -10.17
N TYR A 48 -18.74 -19.79 -11.50
CA TYR A 48 -17.96 -18.86 -12.31
C TYR A 48 -18.58 -17.47 -12.27
N ARG A 49 -19.90 -17.39 -12.43
CA ARG A 49 -20.59 -16.11 -12.35
C ARG A 49 -20.40 -15.48 -10.98
N LEU A 50 -20.45 -16.29 -9.93
CA LEU A 50 -20.26 -15.77 -8.58
C LEU A 50 -18.85 -15.26 -8.38
N THR A 51 -17.84 -16.01 -8.83
CA THR A 51 -16.47 -15.57 -8.61
C THR A 51 -16.16 -14.31 -9.40
N ARG A 52 -16.72 -14.14 -10.60
CA ARG A 52 -16.52 -12.88 -11.31
C ARG A 52 -17.24 -11.73 -10.62
N PHE A 53 -18.49 -11.96 -10.21
CA PHE A 53 -19.30 -10.90 -9.61
C PHE A 53 -18.69 -10.40 -8.31
N PHE A 54 -18.04 -11.29 -7.55
CA PHE A 54 -17.38 -10.85 -6.34
C PHE A 54 -15.94 -10.42 -6.56
N GLY A 55 -15.31 -10.85 -7.66
CA GLY A 55 -13.98 -10.34 -7.96
C GLY A 55 -14.00 -8.87 -8.32
N LYS A 56 -15.04 -8.44 -9.04
CA LYS A 56 -15.16 -7.01 -9.34
C LYS A 56 -15.19 -6.18 -8.05
N LEU A 57 -16.03 -6.58 -7.10
CA LEU A 57 -16.14 -5.87 -5.83
C LEU A 57 -14.82 -5.94 -5.05
N PHE A 58 -14.18 -7.10 -5.07
CA PHE A 58 -12.89 -7.26 -4.39
C PHE A 58 -11.86 -6.27 -4.93
N LEU A 59 -11.82 -6.08 -6.25
CA LEU A 59 -10.85 -5.15 -6.83
C LEU A 59 -11.19 -3.71 -6.47
N ILE A 60 -12.48 -3.35 -6.54
CA ILE A 60 -12.92 -2.01 -6.14
C ILE A 60 -12.46 -1.71 -4.73
N ASN A 61 -12.48 -2.71 -3.85
CA ASN A 61 -12.04 -2.49 -2.47
C ASN A 61 -10.51 -2.47 -2.35
N PHE A 62 -9.83 -3.33 -3.11
CA PHE A 62 -8.38 -3.46 -3.01
C PHE A 62 -7.67 -2.17 -3.39
N ALA A 63 -8.18 -1.48 -4.43
CA ALA A 63 -7.55 -0.23 -4.86
C ALA A 63 -7.45 0.77 -3.70
N ILE A 64 -8.59 1.06 -3.07
CA ILE A 64 -8.60 2.05 -2.00
C ILE A 64 -7.91 1.52 -0.76
N GLY A 65 -7.88 0.20 -0.56
CA GLY A 65 -7.09 -0.34 0.53
C GLY A 65 -5.63 0.02 0.40
N VAL A 66 -5.05 -0.25 -0.77
CA VAL A 66 -3.64 0.10 -1.02
C VAL A 66 -3.44 1.61 -0.86
N ALA A 67 -4.36 2.40 -1.42
CA ALA A 67 -4.19 3.85 -1.39
C ALA A 67 -4.19 4.39 0.03
N THR A 68 -5.06 3.86 0.90
CA THR A 68 -5.08 4.33 2.28
C THR A 68 -3.89 3.81 3.06
N GLY A 69 -3.39 2.62 2.72
CA GLY A 69 -2.25 2.11 3.46
C GLY A 69 -0.94 2.79 3.12
N ILE A 70 -0.85 3.41 1.94
CA ILE A 70 0.44 3.94 1.49
C ILE A 70 1.03 5.01 2.42
N VAL A 71 0.19 5.72 3.19
CA VAL A 71 0.67 6.85 4.00
C VAL A 71 1.19 6.42 5.37
N GLN A 72 0.65 5.31 5.90
CA GLN A 72 1.05 4.83 7.21
C GLN A 72 2.53 4.47 7.27
N GLU A 73 3.12 4.10 6.13
CA GLU A 73 4.53 3.72 6.12
C GLU A 73 5.44 4.89 6.46
N PHE A 74 5.07 6.10 6.03
CA PHE A 74 5.91 7.27 6.26
C PHE A 74 5.46 8.11 7.45
N GLN A 75 4.22 7.94 7.91
CA GLN A 75 3.75 8.75 9.02
C GLN A 75 4.61 8.59 10.27
N PHE A 76 5.20 7.41 10.47
CA PHE A 76 6.02 7.16 11.66
C PHE A 76 7.18 8.15 11.75
N GLY A 77 7.98 8.24 10.68
CA GLY A 77 9.07 9.19 10.68
C GLY A 77 8.64 10.62 10.48
N MET A 78 7.49 10.84 9.84
CA MET A 78 7.06 12.21 9.60
C MET A 78 6.62 12.89 10.89
N ASN A 79 5.82 12.22 11.72
CA ASN A 79 5.23 12.86 12.87
C ASN A 79 5.72 12.35 14.21
N TRP A 80 6.42 11.22 14.25
CA TRP A 80 6.79 10.55 15.49
C TRP A 80 8.28 10.19 15.47
N SER A 81 9.11 11.18 15.17
CA SER A 81 10.54 10.94 14.98
C SER A 81 11.19 10.42 16.26
N GLU A 82 10.97 11.11 17.38
CA GLU A 82 11.63 10.72 18.62
C GLU A 82 11.25 9.32 19.06
N TYR A 83 10.04 8.88 18.71
CA TYR A 83 9.65 7.51 18.98
C TYR A 83 10.38 6.53 18.07
N SER A 84 10.54 6.90 16.79
CA SER A 84 11.19 6.02 15.82
C SER A 84 12.66 5.80 16.13
N ARG A 85 13.32 6.76 16.77
CA ARG A 85 14.70 6.53 17.21
C ARG A 85 14.74 5.56 18.38
N PHE A 86 13.68 5.52 19.19
CA PHE A 86 13.71 4.69 20.39
C PHE A 86 13.47 3.22 20.06
N VAL A 87 12.56 2.93 19.14
CA VAL A 87 12.18 1.56 18.83
C VAL A 87 12.60 1.13 17.44
N GLY A 88 13.32 1.98 16.70
CA GLY A 88 13.66 1.64 15.32
C GLY A 88 14.39 0.32 15.21
N ASP A 89 15.38 0.09 16.07
CA ASP A 89 16.18 -1.13 16.05
C ASP A 89 15.32 -2.39 16.04
N ILE A 90 14.14 -2.35 16.65
CA ILE A 90 13.24 -3.49 16.72
C ILE A 90 12.04 -3.31 15.81
N PHE A 91 11.40 -2.15 15.87
CA PHE A 91 10.19 -1.90 15.09
C PHE A 91 10.44 -2.01 13.60
N GLY A 92 11.66 -1.71 13.14
CA GLY A 92 11.91 -1.71 11.71
C GLY A 92 11.99 -3.08 11.08
N ALA A 93 12.27 -4.13 11.87
CA ALA A 93 12.43 -5.45 11.29
C ALA A 93 11.11 -6.05 10.81
N PRO A 94 10.03 -6.07 11.60
CA PRO A 94 8.76 -6.59 11.06
C PRO A 94 8.25 -5.82 9.87
N LEU A 95 8.43 -4.49 9.85
CA LEU A 95 7.94 -3.70 8.72
C LEU A 95 8.68 -4.04 7.43
N ALA A 96 10.01 -4.13 7.51
CA ALA A 96 10.79 -4.47 6.32
C ALA A 96 10.54 -5.89 5.88
N MET A 97 10.40 -6.82 6.83
CA MET A 97 10.10 -8.20 6.46
C MET A 97 8.73 -8.29 5.81
N GLU A 98 7.75 -7.53 6.30
CA GLU A 98 6.45 -7.47 5.65
C GLU A 98 6.57 -6.97 4.22
N GLY A 99 7.26 -5.84 4.04
CA GLY A 99 7.44 -5.30 2.71
C GLY A 99 8.13 -6.25 1.76
N LEU A 100 9.06 -7.07 2.29
CA LEU A 100 9.82 -7.97 1.42
C LEU A 100 9.08 -9.28 1.16
N ALA A 101 8.21 -9.72 2.07
CA ALA A 101 7.67 -11.07 1.99
C ALA A 101 6.17 -11.14 1.74
N ALA A 102 5.44 -10.05 1.87
CA ALA A 102 4.01 -10.15 1.58
C ALA A 102 3.53 -9.14 0.56
N PHE A 103 4.01 -7.90 0.62
CA PHE A 103 3.54 -6.88 -0.31
C PHE A 103 3.98 -7.20 -1.73
N PHE A 104 5.22 -7.66 -1.90
CA PHE A 104 5.69 -8.03 -3.23
C PHE A 104 4.83 -9.15 -3.81
N PHE A 105 4.57 -10.18 -3.00
CA PHE A 105 3.78 -11.32 -3.47
C PHE A 105 2.37 -10.88 -3.88
N GLU A 106 1.67 -10.18 -2.99
CA GLU A 106 0.29 -9.82 -3.30
C GLU A 106 0.22 -8.87 -4.49
N SER A 107 1.11 -7.87 -4.55
CA SER A 107 1.06 -6.91 -5.64
C SER A 107 1.39 -7.56 -6.97
N THR A 108 2.39 -8.46 -7.00
CA THR A 108 2.76 -9.07 -8.26
C THR A 108 1.72 -10.08 -8.72
N PHE A 109 1.08 -10.81 -7.80
CA PHE A 109 0.20 -11.88 -8.22
C PHE A 109 -1.25 -11.45 -8.42
N ILE A 110 -1.69 -10.35 -7.81
CA ILE A 110 -3.02 -9.88 -8.15
C ILE A 110 -3.03 -9.32 -9.56
N GLY A 111 -1.90 -8.78 -10.03
CA GLY A 111 -1.82 -8.33 -11.41
C GLY A 111 -1.85 -9.47 -12.40
N LEU A 112 -1.39 -10.65 -11.98
CA LEU A 112 -1.50 -11.83 -12.82
C LEU A 112 -2.91 -12.38 -12.81
N TRP A 113 -3.57 -12.34 -11.65
CA TRP A 113 -4.94 -12.82 -11.57
C TRP A 113 -5.90 -11.93 -12.35
N ILE A 114 -5.65 -10.62 -12.39
CA ILE A 114 -6.57 -9.71 -13.07
C ILE A 114 -6.49 -9.88 -14.57
N PHE A 115 -5.27 -10.03 -15.12
CA PHE A 115 -5.05 -9.98 -16.55
C PHE A 115 -4.84 -11.34 -17.19
N GLY A 116 -4.93 -12.43 -16.43
CA GLY A 116 -4.60 -13.73 -16.98
C GLY A 116 -5.76 -14.67 -17.15
N TRP A 117 -6.97 -14.12 -17.35
CA TRP A 117 -8.15 -14.98 -17.44
C TRP A 117 -8.17 -15.81 -18.70
N THR A 118 -7.42 -15.37 -19.73
CA THR A 118 -7.35 -16.09 -21.03
C THR A 118 -5.92 -16.03 -21.58
N ARG A 119 -4.92 -16.20 -20.70
CA ARG A 119 -3.49 -16.17 -21.10
C ARG A 119 -2.73 -17.27 -20.33
N LEU A 120 -3.18 -17.53 -19.09
CA LEU A 120 -2.57 -18.54 -18.24
C LEU A 120 -3.40 -19.82 -18.26
N PRO A 121 -2.78 -20.97 -18.05
CA PRO A 121 -3.56 -22.19 -17.79
C PRO A 121 -4.39 -22.03 -16.53
N ARG A 122 -5.40 -22.89 -16.39
CA ARG A 122 -6.37 -22.69 -15.31
C ARG A 122 -5.76 -22.96 -13.94
N TRP A 123 -4.85 -23.94 -13.85
CA TRP A 123 -4.26 -24.25 -12.56
C TRP A 123 -3.33 -23.15 -12.08
N LEU A 124 -2.58 -22.54 -13.01
CA LEU A 124 -1.75 -21.40 -12.64
C LEU A 124 -2.59 -20.20 -12.24
N HIS A 125 -3.70 -19.98 -12.95
CA HIS A 125 -4.59 -18.88 -12.62
C HIS A 125 -5.24 -19.07 -11.25
N LEU A 126 -5.48 -20.32 -10.85
CA LEU A 126 -6.01 -20.57 -9.51
C LEU A 126 -4.94 -20.41 -8.45
N ALA A 127 -3.72 -20.88 -8.74
CA ALA A 127 -2.62 -20.68 -7.82
C ALA A 127 -2.36 -19.20 -7.56
N CYS A 128 -2.59 -18.35 -8.56
CA CYS A 128 -2.40 -16.91 -8.37
C CYS A 128 -3.28 -16.39 -7.24
N ILE A 129 -4.57 -16.68 -7.27
CA ILE A 129 -5.47 -16.15 -6.25
C ILE A 129 -5.20 -16.81 -4.92
N TRP A 130 -4.78 -18.07 -4.90
CA TRP A 130 -4.44 -18.69 -3.62
C TRP A 130 -3.22 -18.01 -2.99
N ILE A 131 -2.23 -17.66 -3.81
CA ILE A 131 -1.05 -16.97 -3.30
C ILE A 131 -1.44 -15.59 -2.76
N VAL A 132 -2.32 -14.90 -3.45
CA VAL A 132 -2.78 -13.60 -2.97
C VAL A 132 -3.48 -13.75 -1.61
N ALA A 133 -4.33 -14.78 -1.49
CA ALA A 133 -5.06 -15.00 -0.25
C ALA A 133 -4.14 -15.33 0.91
N ILE A 134 -3.03 -16.01 0.65
CA ILE A 134 -2.10 -16.30 1.74
C ILE A 134 -1.27 -15.06 2.09
N ALA A 135 -0.92 -14.25 1.09
CA ALA A 135 -0.08 -13.09 1.35
C ALA A 135 -0.82 -12.03 2.16
N VAL A 136 -2.12 -11.85 1.90
CA VAL A 136 -2.87 -10.84 2.64
C VAL A 136 -3.08 -11.21 4.11
N ASN A 137 -2.77 -12.45 4.49
CA ASN A 137 -2.74 -12.83 5.90
C ASN A 137 -1.34 -12.80 6.49
N LEU A 138 -0.33 -13.14 5.69
CA LEU A 138 1.05 -13.00 6.15
C LEU A 138 1.36 -11.55 6.54
N SER A 139 0.93 -10.59 5.70
CA SER A 139 1.18 -9.19 6.02
C SER A 139 0.49 -8.78 7.31
N ALA A 140 -0.73 -9.28 7.53
CA ALA A 140 -1.43 -8.99 8.77
C ALA A 140 -0.67 -9.51 9.98
N PHE A 141 -0.13 -10.74 9.87
CA PHE A 141 0.66 -11.29 10.97
C PHE A 141 1.86 -10.40 11.28
N PHE A 142 2.60 -10.01 10.24
CA PHE A 142 3.78 -9.18 10.46
C PHE A 142 3.43 -7.86 11.16
N ILE A 143 2.46 -7.14 10.62
CA ILE A 143 2.13 -5.83 11.16
C ILE A 143 1.52 -5.95 12.56
N ILE A 144 0.79 -7.02 12.84
CA ILE A 144 0.18 -7.15 14.16
C ILE A 144 1.23 -7.51 15.20
N SER A 145 2.22 -8.33 14.85
CA SER A 145 3.32 -8.54 15.79
C SER A 145 4.09 -7.25 16.05
N ALA A 146 4.25 -6.44 15.00
CA ALA A 146 4.89 -5.13 15.18
C ALA A 146 4.14 -4.28 16.19
N ASN A 147 2.82 -4.23 16.08
CA ASN A 147 2.05 -3.46 17.06
C ASN A 147 2.06 -4.11 18.44
N SER A 148 2.11 -5.43 18.50
CA SER A 148 2.12 -6.13 19.77
C SER A 148 3.44 -6.02 20.50
N PHE A 149 4.51 -5.56 19.84
CA PHE A 149 5.70 -5.20 20.61
C PHE A 149 5.48 -3.93 21.42
N MET A 150 4.67 -2.99 20.93
CA MET A 150 4.49 -1.72 21.60
C MET A 150 3.83 -1.88 22.96
N GLN A 151 3.09 -2.96 23.14
CA GLN A 151 2.43 -3.28 24.40
C GLN A 151 2.79 -4.70 24.77
N HIS A 152 3.38 -4.89 25.95
CA HIS A 152 4.12 -6.08 26.30
C HIS A 152 5.32 -6.29 25.38
N PRO A 153 6.36 -5.44 25.49
CA PRO A 153 7.61 -5.73 24.77
C PRO A 153 8.39 -6.85 25.43
N VAL A 154 9.08 -7.64 24.61
CA VAL A 154 9.73 -8.85 25.10
C VAL A 154 11.23 -8.91 24.82
N GLY A 155 11.62 -8.92 23.56
CA GLY A 155 13.01 -9.16 23.20
C GLY A 155 13.88 -7.93 22.99
N ALA A 156 14.21 -7.21 24.06
CA ALA A 156 14.97 -5.98 23.95
C ALA A 156 15.92 -5.83 25.13
N ARG A 157 16.82 -4.85 25.04
CA ARG A 157 17.87 -4.70 26.04
C ARG A 157 17.97 -3.30 26.63
N PHE A 158 17.72 -2.25 25.85
CA PHE A 158 17.93 -0.86 26.27
C PHE A 158 19.39 -0.60 26.65
N ASN A 159 20.23 -0.59 25.62
CA ASN A 159 21.60 -0.11 25.77
C ASN A 159 21.60 1.32 26.31
N PRO A 160 22.11 1.57 27.52
CA PRO A 160 22.03 2.93 28.08
C PRO A 160 23.01 3.90 27.45
N GLU A 161 24.15 3.40 26.97
CA GLU A 161 25.16 4.27 26.40
C GLU A 161 24.78 4.84 25.04
N THR A 162 23.58 4.54 24.54
CA THR A 162 23.08 5.12 23.31
C THR A 162 21.64 5.57 23.39
N GLY A 163 20.89 5.15 24.42
CA GLY A 163 19.50 5.55 24.55
C GLY A 163 18.61 4.96 23.47
N ARG A 164 18.56 3.64 23.38
CA ARG A 164 17.84 2.96 22.31
C ARG A 164 17.34 1.63 22.85
N ALA A 165 16.42 1.03 22.09
CA ALA A 165 15.78 -0.23 22.54
C ALA A 165 16.80 -1.35 22.43
N GLU A 166 17.28 -1.57 21.19
CA GLU A 166 18.28 -2.60 20.78
C GLU A 166 17.67 -4.00 20.82
N LEU A 167 17.34 -4.55 19.65
CA LEU A 167 16.77 -5.92 19.54
C LEU A 167 17.80 -6.94 20.03
N GLU A 168 17.34 -8.02 20.67
CA GLU A 168 18.20 -9.07 21.18
C GLU A 168 17.77 -10.48 20.81
N SER A 169 16.54 -10.68 20.34
CA SER A 169 16.07 -12.01 19.93
C SER A 169 14.86 -11.85 19.05
N ILE A 170 14.89 -12.44 17.86
CA ILE A 170 13.76 -12.34 16.93
C ILE A 170 12.72 -13.42 17.23
N PHE A 171 13.16 -14.58 17.74
CA PHE A 171 12.22 -15.64 18.07
C PHE A 171 11.30 -15.22 19.21
N ALA A 172 11.84 -14.55 20.23
CA ALA A 172 11.00 -14.05 21.31
C ALA A 172 10.06 -12.96 20.84
N LEU A 173 10.37 -12.28 19.74
CA LEU A 173 9.51 -11.21 19.24
C LEU A 173 8.37 -11.76 18.40
N PHE A 174 8.63 -12.81 17.62
CA PHE A 174 7.59 -13.34 16.74
C PHE A 174 6.70 -14.38 17.39
N THR A 175 7.05 -14.87 18.58
CA THR A 175 6.19 -15.80 19.33
C THR A 175 5.66 -15.17 20.60
N ASN A 176 5.44 -13.86 20.58
CA ASN A 176 4.93 -13.15 21.75
C ASN A 176 3.54 -13.65 22.11
N ASN A 177 3.25 -13.70 23.41
CA ASN A 177 1.92 -14.06 23.88
C ASN A 177 0.85 -13.19 23.22
N THR A 178 1.05 -11.87 23.26
CA THR A 178 0.04 -10.94 22.78
C THR A 178 -0.17 -11.07 21.27
N ALA A 179 0.91 -11.36 20.53
CA ALA A 179 0.83 -11.34 19.07
C ALA A 179 -0.05 -12.47 18.55
N ILE A 180 0.06 -13.66 19.13
CA ILE A 180 -0.73 -14.80 18.64
C ILE A 180 -2.21 -14.55 18.86
N ALA A 181 -2.58 -14.11 20.06
CA ALA A 181 -3.98 -13.85 20.35
C ALA A 181 -4.53 -12.70 19.51
N ALA A 182 -3.74 -11.64 19.32
CA ALA A 182 -4.20 -10.52 18.50
C ALA A 182 -4.40 -10.94 17.05
N PHE A 183 -3.47 -11.73 16.51
CA PHE A 183 -3.60 -12.20 15.14
C PHE A 183 -4.84 -13.06 14.97
N THR A 184 -5.07 -13.99 15.89
CA THR A 184 -6.24 -14.85 15.78
C THR A 184 -7.53 -14.05 15.88
N HIS A 185 -7.60 -13.10 16.82
CA HIS A 185 -8.81 -12.29 16.97
C HIS A 185 -9.07 -11.45 15.72
N ALA A 186 -8.02 -10.84 15.17
CA ALA A 186 -8.23 -9.99 14.00
C ALA A 186 -8.61 -10.80 12.77
N VAL A 187 -8.04 -12.00 12.61
CA VAL A 187 -8.42 -12.84 11.49
C VAL A 187 -9.87 -13.29 11.61
N SER A 188 -10.29 -13.63 12.83
CA SER A 188 -11.70 -13.98 13.04
C SER A 188 -12.61 -12.80 12.69
N GLY A 189 -12.23 -11.59 13.08
CA GLY A 189 -13.02 -10.42 12.74
C GLY A 189 -13.12 -10.20 11.25
N ALA A 190 -12.01 -10.36 10.53
CA ALA A 190 -12.04 -10.16 9.09
C ALA A 190 -12.91 -11.21 8.40
N PHE A 191 -12.83 -12.47 8.85
CA PHE A 191 -13.66 -13.49 8.24
C PHE A 191 -15.14 -13.26 8.54
N LEU A 192 -15.46 -12.76 9.74
CA LEU A 192 -16.84 -12.38 10.03
C LEU A 192 -17.30 -11.29 9.08
N THR A 193 -16.48 -10.25 8.88
CA THR A 193 -16.84 -9.18 7.97
C THR A 193 -17.17 -9.70 6.58
N ALA A 194 -16.29 -10.54 6.03
CA ALA A 194 -16.50 -11.03 4.66
C ALA A 194 -17.70 -11.96 4.57
N GLY A 195 -17.86 -12.85 5.55
CA GLY A 195 -19.00 -13.75 5.53
C GLY A 195 -20.32 -13.00 5.60
N VAL A 196 -20.41 -12.00 6.47
CA VAL A 196 -21.63 -11.19 6.56
C VAL A 196 -21.87 -10.46 5.25
N PHE A 197 -20.82 -9.92 4.64
CA PHE A 197 -20.98 -9.22 3.37
C PHE A 197 -21.61 -10.14 2.32
N VAL A 198 -21.02 -11.31 2.12
CA VAL A 198 -21.51 -12.23 1.09
C VAL A 198 -22.94 -12.68 1.41
N ALA A 199 -23.19 -13.06 2.66
CA ALA A 199 -24.50 -13.57 3.03
C ALA A 199 -25.59 -12.51 2.84
N CYS A 200 -25.32 -11.27 3.26
CA CYS A 200 -26.34 -10.23 3.14
C CYS A 200 -26.58 -9.84 1.69
N VAL A 201 -25.51 -9.73 0.89
CA VAL A 201 -25.71 -9.38 -0.52
C VAL A 201 -26.53 -10.46 -1.22
N CYS A 202 -26.20 -11.72 -0.98
CA CYS A 202 -26.93 -12.79 -1.67
C CYS A 202 -28.35 -12.93 -1.12
N ALA A 203 -28.58 -12.62 0.15
CA ALA A 203 -29.95 -12.67 0.68
C ALA A 203 -30.81 -11.56 0.07
N TRP A 204 -30.24 -10.36 -0.06
CA TRP A 204 -30.96 -9.28 -0.72
C TRP A 204 -31.31 -9.67 -2.15
N TRP A 205 -30.34 -10.21 -2.89
CA TRP A 205 -30.60 -10.59 -4.27
C TRP A 205 -31.53 -11.79 -4.37
N MET A 206 -31.61 -12.62 -3.34
CA MET A 206 -32.55 -13.74 -3.36
C MET A 206 -33.97 -13.30 -3.12
N VAL A 207 -34.18 -12.37 -2.17
CA VAL A 207 -35.52 -11.84 -1.97
C VAL A 207 -35.96 -11.02 -3.17
N ARG A 208 -35.03 -10.28 -3.76
CA ARG A 208 -35.38 -9.39 -4.88
C ARG A 208 -35.70 -10.19 -6.14
N SER A 209 -34.94 -11.24 -6.42
CA SER A 209 -35.13 -11.98 -7.66
C SER A 209 -36.41 -12.79 -7.64
N HIS A 210 -36.78 -13.33 -6.48
CA HIS A 210 -37.99 -14.15 -6.39
C HIS A 210 -39.23 -13.38 -6.76
N ARG A 211 -39.27 -12.08 -6.46
CA ARG A 211 -40.44 -11.28 -6.78
C ARG A 211 -40.49 -10.88 -8.25
N THR A 212 -39.33 -10.74 -8.89
CA THR A 212 -39.31 -10.32 -10.29
C THR A 212 -39.98 -11.35 -11.19
N GLY A 213 -39.62 -12.63 -11.01
CA GLY A 213 -40.21 -13.67 -11.82
C GLY A 213 -39.66 -13.67 -13.24
N GLY A 214 -40.45 -14.24 -14.14
CA GLY A 214 -40.05 -14.31 -15.53
C GLY A 214 -38.94 -15.33 -15.77
N GLU A 215 -37.74 -14.83 -16.05
CA GLU A 215 -36.58 -15.69 -16.28
C GLU A 215 -35.63 -15.74 -15.10
N SER A 216 -35.49 -14.64 -14.37
CA SER A 216 -34.54 -14.57 -13.26
C SER A 216 -35.02 -15.27 -12.00
N ALA A 217 -36.28 -15.72 -11.95
CA ALA A 217 -36.77 -16.43 -10.79
C ALA A 217 -36.09 -17.78 -10.59
N ALA A 218 -35.32 -18.25 -11.56
CA ALA A 218 -34.58 -19.50 -11.44
C ALA A 218 -33.13 -19.29 -11.04
N ASP A 219 -32.63 -18.06 -11.07
CA ASP A 219 -31.29 -17.80 -10.54
C ASP A 219 -31.27 -17.89 -9.02
N ALA A 220 -32.41 -17.63 -8.37
CA ALA A 220 -32.46 -17.68 -6.91
C ALA A 220 -32.03 -19.05 -6.40
N ALA A 221 -32.81 -20.08 -6.70
CA ALA A 221 -32.58 -21.40 -6.12
C ALA A 221 -31.24 -21.99 -6.53
N THR A 222 -30.71 -21.60 -7.67
CA THR A 222 -29.47 -22.19 -8.18
C THR A 222 -28.22 -21.42 -7.77
N MET A 223 -28.32 -20.14 -7.49
CA MET A 223 -27.10 -19.38 -7.26
C MET A 223 -27.12 -18.57 -5.97
N TYR A 224 -28.27 -18.00 -5.59
CA TYR A 224 -28.29 -17.09 -4.46
C TYR A 224 -28.55 -17.78 -3.13
N ARG A 225 -29.14 -18.96 -3.15
CA ARG A 225 -29.41 -19.71 -1.93
C ARG A 225 -28.14 -20.42 -1.43
N PRO A 226 -27.39 -21.14 -2.27
CA PRO A 226 -26.15 -21.74 -1.78
C PRO A 226 -25.14 -20.73 -1.28
N ALA A 227 -25.02 -19.58 -1.95
CA ALA A 227 -24.08 -18.57 -1.49
C ALA A 227 -24.50 -17.99 -0.15
N THR A 228 -25.81 -17.79 0.05
CA THR A 228 -26.30 -17.35 1.34
C THR A 228 -25.99 -18.37 2.43
N ILE A 229 -26.19 -19.66 2.14
CA ILE A 229 -25.94 -20.68 3.16
C ILE A 229 -24.45 -20.73 3.52
N LEU A 230 -23.59 -20.66 2.51
CA LEU A 230 -22.15 -20.61 2.76
C LEU A 230 -21.78 -19.41 3.62
N GLY A 231 -22.33 -18.24 3.28
CA GLY A 231 -22.03 -17.05 4.06
C GLY A 231 -22.47 -17.16 5.51
N CYS A 232 -23.66 -17.73 5.74
CA CYS A 232 -24.14 -17.86 7.11
C CYS A 232 -23.32 -18.85 7.92
N TRP A 233 -22.89 -19.95 7.31
CA TRP A 233 -22.06 -20.89 8.06
C TRP A 233 -20.71 -20.28 8.39
N VAL A 234 -20.11 -19.55 7.44
CA VAL A 234 -18.86 -18.85 7.72
C VAL A 234 -19.06 -17.85 8.86
N THR A 235 -20.16 -17.12 8.84
CA THR A 235 -20.43 -16.14 9.89
C THR A 235 -20.53 -16.79 11.25
N LEU A 236 -21.21 -17.94 11.33
CA LEU A 236 -21.38 -18.59 12.64
C LEU A 236 -20.05 -19.11 13.18
N VAL A 237 -19.27 -19.77 12.33
CA VAL A 237 -18.00 -20.28 12.86
C VAL A 237 -17.06 -19.15 13.22
N ALA A 238 -17.13 -18.04 12.48
CA ALA A 238 -16.31 -16.88 12.83
C ALA A 238 -16.76 -16.26 14.14
N ALA A 239 -18.06 -16.28 14.43
CA ALA A 239 -18.54 -15.76 15.70
C ALA A 239 -18.03 -16.59 16.87
N VAL A 240 -18.07 -17.92 16.75
CA VAL A 240 -17.55 -18.76 17.82
C VAL A 240 -16.06 -18.53 18.01
N ALA A 241 -15.31 -18.44 16.90
CA ALA A 241 -13.88 -18.18 17.00
C ALA A 241 -13.60 -16.84 17.67
N LEU A 242 -14.41 -15.82 17.34
CA LEU A 242 -14.24 -14.52 17.97
C LEU A 242 -14.45 -14.60 19.47
N PHE A 243 -15.50 -15.31 19.91
CA PHE A 243 -15.73 -15.48 21.34
C PHE A 243 -14.52 -16.09 22.03
N PHE A 244 -14.01 -17.20 21.48
CA PHE A 244 -12.94 -17.91 22.19
C PHE A 244 -11.63 -17.13 22.18
N THR A 245 -11.24 -16.59 21.02
CA THR A 245 -10.01 -15.80 20.96
C THR A 245 -10.11 -14.56 21.82
N GLY A 246 -11.30 -13.97 21.94
CA GLY A 246 -11.46 -12.82 22.79
C GLY A 246 -11.33 -13.15 24.26
N ASP A 247 -11.89 -14.29 24.68
CA ASP A 247 -11.68 -14.71 26.06
C ASP A 247 -10.20 -14.91 26.37
N ALA A 248 -9.47 -15.56 25.44
CA ALA A 248 -8.05 -15.76 25.65
C ALA A 248 -7.31 -14.42 25.77
N GLN A 249 -7.61 -13.50 24.86
CA GLN A 249 -6.91 -12.22 24.86
C GLN A 249 -7.25 -11.39 26.08
N GLY A 250 -8.46 -11.53 26.62
CA GLY A 250 -8.79 -10.87 27.87
C GLY A 250 -8.03 -11.45 29.05
N LYS A 251 -7.93 -12.78 29.11
CA LYS A 251 -7.08 -13.40 30.13
C LYS A 251 -5.66 -12.87 30.06
N LEU A 252 -5.14 -12.68 28.84
CA LEU A 252 -3.81 -12.08 28.69
C LEU A 252 -3.78 -10.67 29.24
N MET A 253 -4.75 -9.85 28.85
CA MET A 253 -4.77 -8.44 29.25
C MET A 253 -4.88 -8.25 30.75
N PHE A 254 -5.47 -9.20 31.47
CA PHE A 254 -5.60 -9.04 32.92
C PHE A 254 -4.24 -8.88 33.60
N GLU A 255 -3.23 -9.64 33.17
CA GLU A 255 -1.99 -9.75 33.91
C GLU A 255 -0.90 -8.78 33.45
N GLN A 256 -0.87 -8.42 32.17
CA GLN A 256 0.25 -7.67 31.63
C GLN A 256 -0.10 -6.22 31.33
N GLN A 257 -1.31 -5.77 31.67
CA GLN A 257 -1.68 -4.39 31.41
C GLN A 257 -2.93 -4.02 32.22
N PRO A 258 -2.80 -3.84 33.53
CA PRO A 258 -3.99 -3.76 34.39
C PRO A 258 -4.79 -2.47 34.25
N MET A 259 -4.19 -1.39 33.77
CA MET A 259 -4.95 -0.14 33.64
C MET A 259 -6.03 -0.27 32.57
N LYS A 260 -5.71 -0.89 31.44
CA LYS A 260 -6.73 -1.12 30.41
C LYS A 260 -7.88 -1.95 30.95
N MET A 261 -7.57 -2.99 31.72
CA MET A 261 -8.62 -3.83 32.28
C MET A 261 -9.45 -3.07 33.30
N ALA A 262 -8.81 -2.28 34.15
CA ALA A 262 -9.57 -1.50 35.13
C ALA A 262 -10.43 -0.44 34.45
N SER A 263 -10.03 0.01 33.26
CA SER A 263 -10.82 1.00 32.52
C SER A 263 -11.90 0.38 31.65
N ALA A 264 -11.84 -0.92 31.37
CA ALA A 264 -12.86 -1.55 30.54
C ALA A 264 -14.13 -1.84 31.35
N GLU A 265 -13.99 -2.38 32.55
CA GLU A 265 -15.12 -2.75 33.40
C GLU A 265 -15.42 -1.71 34.46
N SER A 266 -15.27 -0.43 34.13
CA SER A 266 -15.52 0.65 35.06
C SER A 266 -16.97 0.67 35.53
N LEU A 267 -17.29 1.54 36.50
CA LEU A 267 -18.66 1.61 37.02
C LEU A 267 -19.63 2.03 35.93
N CYS A 268 -19.28 3.06 35.17
CA CYS A 268 -20.07 3.48 34.02
C CYS A 268 -19.25 4.35 33.07
N LEU A 313 -10.83 -1.01 45.30
CA LEU A 313 -12.23 -0.70 45.01
C LEU A 313 -12.39 -0.14 43.59
N ASP A 314 -12.13 1.16 43.44
CA ASP A 314 -12.24 1.80 42.13
C ASP A 314 -11.17 1.33 41.16
N GLY A 315 -10.04 0.85 41.66
CA GLY A 315 -9.00 0.33 40.79
C GLY A 315 -8.22 1.41 40.07
N VAL A 316 -8.93 2.31 39.38
CA VAL A 316 -8.28 3.32 38.56
C VAL A 316 -7.51 4.35 39.39
N VAL A 317 -7.77 4.43 40.70
CA VAL A 317 -7.05 5.35 41.57
C VAL A 317 -5.92 4.65 42.32
N ASP A 318 -6.13 3.40 42.74
CA ASP A 318 -5.03 2.67 43.37
C ASP A 318 -3.92 2.41 42.37
N LEU A 319 -4.28 2.03 41.15
CA LEU A 319 -3.29 1.89 40.08
C LEU A 319 -2.63 3.23 39.76
N GLN A 320 -3.38 4.33 39.90
CA GLN A 320 -2.78 5.65 39.70
C GLN A 320 -1.68 5.92 40.72
N ARG A 321 -1.97 5.67 42.01
CA ARG A 321 -0.95 5.84 43.03
C ARG A 321 0.24 4.92 42.79
N SER A 322 -0.03 3.67 42.41
CA SER A 322 1.05 2.71 42.17
C SER A 322 1.95 3.17 41.03
N TYR A 323 1.35 3.61 39.92
CA TYR A 323 2.15 4.06 38.78
C TYR A 323 2.88 5.34 39.10
N GLU A 324 2.28 6.23 39.90
CA GLU A 324 2.95 7.46 40.27
C GLU A 324 4.14 7.20 41.18
N GLU A 325 4.07 6.14 41.99
CA GLU A 325 5.23 5.77 42.80
C GLU A 325 6.27 5.01 41.99
N LYS A 326 5.85 4.32 40.93
CA LYS A 326 6.80 3.58 40.10
C LYS A 326 7.58 4.50 39.17
N PHE A 327 6.89 5.33 38.39
CA PHE A 327 7.52 6.08 37.30
C PHE A 327 7.42 7.59 37.50
N GLY A 328 7.51 8.07 38.73
CA GLY A 328 7.49 9.49 38.99
C GLY A 328 6.13 10.11 38.76
N PRO A 329 6.07 11.43 38.78
CA PRO A 329 4.77 12.11 38.64
C PRO A 329 4.23 12.04 37.22
N GLY A 330 2.94 12.31 37.10
CA GLY A 330 2.24 12.26 35.82
C GLY A 330 0.85 11.68 35.95
N ASP A 331 0.04 11.83 34.91
CA ASP A 331 -1.32 11.31 34.87
C ASP A 331 -1.35 10.10 33.94
N TYR A 332 -1.75 8.95 34.48
CA TYR A 332 -1.61 7.67 33.79
C TYR A 332 -2.97 7.03 33.51
N ARG A 333 -3.94 7.82 33.07
CA ARG A 333 -5.26 7.25 32.86
C ARG A 333 -5.71 7.43 31.42
N PRO A 334 -6.41 6.44 30.86
CA PRO A 334 -7.12 6.66 29.59
C PRO A 334 -8.38 7.49 29.77
N ASN A 335 -9.20 7.61 28.72
CA ASN A 335 -10.31 8.55 28.76
C ASN A 335 -11.44 8.10 29.67
N LEU A 336 -11.58 6.79 29.90
CA LEU A 336 -12.55 6.21 30.83
C LEU A 336 -13.99 6.32 30.31
N PHE A 337 -14.20 7.01 29.20
CA PHE A 337 -15.49 7.07 28.53
C PHE A 337 -15.45 6.37 27.18
N VAL A 338 -14.49 6.76 26.33
CA VAL A 338 -14.26 6.03 25.09
C VAL A 338 -13.89 4.59 25.40
N THR A 339 -13.08 4.37 26.43
CA THR A 339 -12.67 3.00 26.74
C THR A 339 -13.82 2.20 27.34
N TYR A 340 -14.74 2.85 28.04
CA TYR A 340 -15.89 2.14 28.57
C TYR A 340 -16.86 1.76 27.47
N TRP A 341 -17.10 2.66 26.52
CA TRP A 341 -18.13 2.42 25.52
C TRP A 341 -17.64 1.70 24.27
N SER A 342 -16.35 1.75 23.96
CA SER A 342 -15.85 1.02 22.81
C SER A 342 -15.88 -0.49 23.06
N PHE A 343 -15.54 -0.91 24.28
CA PHE A 343 -15.66 -2.31 24.63
C PHE A 343 -17.10 -2.79 24.50
N ARG A 344 -18.04 -2.01 25.05
CA ARG A 344 -19.45 -2.39 25.01
C ARG A 344 -19.97 -2.45 23.58
N ALA A 345 -19.61 -1.47 22.75
CA ALA A 345 -20.09 -1.47 21.37
C ALA A 345 -19.48 -2.61 20.58
N MET A 346 -18.19 -2.85 20.75
CA MET A 346 -17.51 -3.93 20.05
C MET A 346 -18.12 -5.28 20.40
N ILE A 347 -18.48 -5.50 21.66
CA ILE A 347 -19.08 -6.77 22.03
C ILE A 347 -20.55 -6.84 21.59
N GLY A 348 -21.27 -5.73 21.66
CA GLY A 348 -22.69 -5.75 21.36
C GLY A 348 -23.03 -5.77 19.89
N PHE A 349 -22.14 -5.30 19.02
CA PHE A 349 -22.43 -5.38 17.60
C PHE A 349 -22.35 -6.79 17.04
N LEU A 350 -22.08 -7.80 17.87
CA LEU A 350 -22.05 -9.18 17.41
C LEU A 350 -23.43 -9.80 17.38
N ALA A 351 -24.40 -9.23 18.09
CA ALA A 351 -25.73 -9.82 18.15
C ALA A 351 -26.48 -9.67 16.84
N VAL A 352 -26.12 -8.70 16.01
CA VAL A 352 -26.83 -8.47 14.75
C VAL A 352 -26.43 -9.53 13.72
N PRO A 353 -25.14 -9.75 13.44
CA PRO A 353 -24.81 -10.82 12.48
C PRO A 353 -25.22 -12.19 12.94
N GLY A 354 -25.11 -12.49 14.25
CA GLY A 354 -25.53 -13.79 14.73
C GLY A 354 -27.01 -14.03 14.55
N LEU A 355 -27.82 -13.05 14.92
CA LEU A 355 -29.26 -13.18 14.72
C LEU A 355 -29.60 -13.29 13.25
N PHE A 356 -28.95 -12.51 12.39
CA PHE A 356 -29.23 -12.59 10.97
C PHE A 356 -28.89 -13.96 10.41
N ALA A 357 -27.73 -14.50 10.77
CA ALA A 357 -27.33 -15.81 10.28
C ALA A 357 -28.29 -16.88 10.77
N LEU A 358 -28.67 -16.84 12.05
CA LEU A 358 -29.57 -17.84 12.59
C LEU A 358 -30.96 -17.75 11.97
N ALA A 359 -31.40 -16.56 11.58
CA ALA A 359 -32.70 -16.45 10.93
C ALA A 359 -32.64 -16.86 9.47
N ALA A 360 -31.54 -16.54 8.78
CA ALA A 360 -31.42 -16.89 7.37
C ALA A 360 -31.20 -18.39 7.17
N LEU A 361 -30.57 -19.05 8.13
CA LEU A 361 -30.43 -20.49 8.04
C LEU A 361 -31.71 -21.23 8.35
N TRP A 362 -32.72 -20.54 8.88
CA TRP A 362 -34.01 -21.15 9.16
C TRP A 362 -35.08 -20.75 8.16
N LEU A 363 -34.92 -19.61 7.49
CA LEU A 363 -35.87 -19.21 6.46
C LEU A 363 -35.69 -19.98 5.16
N THR A 364 -34.59 -20.71 5.00
CA THR A 364 -34.26 -21.45 3.79
C THR A 364 -33.98 -22.91 4.12
N ARG A 365 -34.84 -23.53 4.93
CA ARG A 365 -34.53 -24.83 5.51
C ARG A 365 -34.34 -25.94 4.48
N GLY A 366 -35.42 -26.36 3.84
CA GLY A 366 -35.34 -27.48 2.93
C GLY A 366 -34.86 -27.11 1.55
N GLY A 367 -35.68 -26.37 0.82
CA GLY A 367 -35.29 -25.81 -0.46
C GLY A 367 -35.99 -24.49 -0.68
N ARG A 368 -36.70 -24.01 0.33
CA ARG A 368 -37.59 -22.88 0.16
C ARG A 368 -36.80 -21.59 -0.04
N ILE A 369 -37.50 -20.57 -0.54
CA ILE A 369 -36.91 -19.27 -0.82
C ILE A 369 -37.74 -18.21 -0.12
N PRO A 370 -37.14 -17.31 0.64
CA PRO A 370 -37.93 -16.29 1.34
C PRO A 370 -38.33 -15.15 0.43
N ASP A 371 -39.47 -14.54 0.76
CA ASP A 371 -40.02 -13.44 -0.01
C ASP A 371 -40.46 -12.28 0.87
N GLN A 372 -40.20 -12.35 2.17
CA GLN A 372 -40.62 -11.29 3.08
C GLN A 372 -39.84 -10.00 2.81
N ARG A 373 -40.55 -8.88 2.80
CA ARG A 373 -39.90 -7.61 2.56
C ARG A 373 -38.95 -7.24 3.69
N TRP A 374 -39.39 -7.43 4.94
CA TRP A 374 -38.57 -7.05 6.08
C TRP A 374 -37.26 -7.83 6.14
N PHE A 375 -37.20 -9.00 5.51
CA PHE A 375 -35.95 -9.77 5.49
C PHE A 375 -34.89 -9.04 4.69
N SER A 376 -35.26 -8.41 3.58
CA SER A 376 -34.29 -7.67 2.79
C SER A 376 -33.80 -6.44 3.54
N TRP A 377 -34.69 -5.76 4.26
CA TRP A 377 -34.26 -4.63 5.08
C TRP A 377 -33.33 -5.08 6.19
N PHE A 378 -33.61 -6.24 6.79
CA PHE A 378 -32.74 -6.80 7.82
C PHE A 378 -31.36 -7.11 7.24
N ALA A 379 -31.32 -7.68 6.04
CA ALA A 379 -30.06 -7.95 5.37
C ALA A 379 -29.30 -6.68 5.04
N LEU A 380 -30.01 -5.61 4.71
CA LEU A 380 -29.33 -4.35 4.41
C LEU A 380 -28.78 -3.69 5.67
N LEU A 381 -29.52 -3.78 6.78
CA LEU A 381 -29.05 -3.21 8.03
C LEU A 381 -27.90 -4.01 8.64
N THR A 382 -27.78 -5.29 8.33
CA THR A 382 -26.75 -6.12 8.96
C THR A 382 -25.35 -5.86 8.40
N ILE A 383 -25.21 -5.09 7.32
CA ILE A 383 -23.93 -4.98 6.62
C ILE A 383 -22.92 -4.08 7.32
N PRO A 384 -23.26 -2.90 7.84
CA PRO A 384 -22.22 -2.04 8.43
C PRO A 384 -21.71 -2.48 9.80
N THR A 385 -22.39 -3.42 10.45
CA THR A 385 -22.07 -3.76 11.84
C THR A 385 -20.71 -4.44 12.01
N PRO A 386 -20.23 -5.30 11.10
CA PRO A 386 -18.87 -5.80 11.27
C PRO A 386 -17.81 -4.73 11.17
N PHE A 387 -17.97 -3.78 10.24
CA PHE A 387 -17.05 -2.65 10.16
C PHE A 387 -17.06 -1.86 11.46
N LEU A 388 -18.26 -1.59 11.99
CA LEU A 388 -18.36 -0.84 13.23
C LEU A 388 -17.70 -1.58 14.39
N ALA A 389 -17.88 -2.89 14.47
CA ALA A 389 -17.29 -3.66 15.56
C ALA A 389 -15.77 -3.70 15.45
N ASN A 390 -15.24 -3.86 14.24
CA ASN A 390 -13.79 -3.84 14.06
C ASN A 390 -13.20 -2.50 14.48
N SER A 391 -13.83 -1.40 14.04
CA SER A 391 -13.34 -0.08 14.43
C SER A 391 -13.41 0.11 15.94
N ALA A 392 -14.49 -0.33 16.57
CA ALA A 392 -14.63 -0.18 18.01
C ALA A 392 -13.55 -0.96 18.75
N GLY A 393 -13.25 -2.17 18.30
CA GLY A 393 -12.21 -2.95 18.96
C GLY A 393 -10.85 -2.33 18.83
N TRP A 394 -10.51 -1.85 17.63
CA TRP A 394 -9.22 -1.21 17.45
C TRP A 394 -9.12 0.12 18.17
N VAL A 395 -10.25 0.80 18.40
CA VAL A 395 -10.22 2.04 19.17
C VAL A 395 -10.06 1.75 20.66
N PHE A 396 -10.68 0.68 21.14
CA PHE A 396 -10.47 0.29 22.53
C PHE A 396 -9.03 -0.11 22.79
N THR A 397 -8.44 -0.89 21.88
CA THR A 397 -7.07 -1.36 22.09
C THR A 397 -6.09 -0.20 22.14
N GLU A 398 -6.22 0.71 21.20
CA GLU A 398 -5.29 1.84 21.06
C GLU A 398 -5.46 2.97 22.07
N MET A 399 -6.70 3.32 22.40
CA MET A 399 -6.91 4.42 23.32
C MET A 399 -6.94 3.93 24.76
N GLY A 400 -6.72 2.64 24.98
CA GLY A 400 -6.69 2.12 26.34
C GLY A 400 -5.31 2.22 26.96
N ARG A 401 -4.27 2.08 26.13
CA ARG A 401 -2.89 2.21 26.60
C ARG A 401 -2.44 3.65 26.40
N GLN A 402 -3.27 4.58 26.82
CA GLN A 402 -3.13 5.88 26.15
C GLN A 402 -1.95 6.72 26.62
N PRO A 403 -1.66 6.87 27.91
CA PRO A 403 -0.46 7.64 28.28
C PRO A 403 0.83 7.08 27.70
N TRP A 404 0.83 5.82 27.26
CA TRP A 404 2.04 5.15 26.79
C TRP A 404 1.99 4.95 25.29
N VAL A 405 3.16 4.97 24.67
CA VAL A 405 3.32 4.45 23.32
C VAL A 405 4.16 3.17 23.31
N VAL A 406 4.96 2.93 24.34
CA VAL A 406 5.60 1.64 24.60
C VAL A 406 5.31 1.32 26.06
N VAL A 407 4.38 0.41 26.30
CA VAL A 407 3.90 0.10 27.65
C VAL A 407 4.97 -0.65 28.42
N PRO A 408 5.24 -0.31 29.68
CA PRO A 408 6.24 -1.06 30.45
C PRO A 408 5.76 -2.48 30.77
N ASN A 409 6.60 -3.45 30.46
CA ASN A 409 6.27 -4.85 30.70
C ASN A 409 6.48 -5.18 32.17
N PRO A 410 5.46 -5.67 32.88
CA PRO A 410 5.63 -5.95 34.32
C PRO A 410 6.72 -6.97 34.61
N THR A 411 7.08 -7.83 33.67
CA THR A 411 8.16 -8.79 33.83
C THR A 411 9.25 -8.54 32.79
N GLY A 412 9.59 -7.27 32.59
CA GLY A 412 10.69 -6.89 31.71
C GLY A 412 11.78 -6.18 32.49
N ASP A 413 12.33 -5.12 31.93
CA ASP A 413 13.38 -4.36 32.59
C ASP A 413 12.97 -2.95 32.97
N GLN A 414 11.74 -2.53 32.68
CA GLN A 414 11.13 -1.29 33.13
C GLN A 414 11.80 -0.04 32.56
N ASP A 415 12.83 -0.18 31.73
CA ASP A 415 13.43 0.96 31.07
C ASP A 415 12.97 1.12 29.64
N ILE A 416 12.31 0.11 29.08
CA ILE A 416 11.74 0.20 27.73
C ILE A 416 10.31 0.68 27.92
N ARG A 417 10.16 2.01 27.98
CA ARG A 417 8.85 2.64 28.14
C ARG A 417 8.95 4.05 27.60
N LEU A 418 7.83 4.56 27.09
CA LEU A 418 7.82 5.86 26.44
C LEU A 418 6.40 6.38 26.42
N THR A 419 6.16 7.50 27.10
CA THR A 419 4.85 8.13 27.02
C THR A 419 4.66 8.79 25.67
N VAL A 420 3.41 9.03 25.29
CA VAL A 420 3.19 9.75 24.05
C VAL A 420 3.17 11.24 24.40
N ALA A 421 4.34 11.73 24.81
CA ALA A 421 4.75 13.12 24.75
C ALA A 421 6.23 13.26 24.44
N GLN A 422 7.01 12.19 24.58
CA GLN A 422 8.40 12.13 24.20
C GLN A 422 8.59 11.42 22.87
N GLY A 423 7.50 11.07 22.19
CA GLY A 423 7.60 10.37 20.93
C GLY A 423 7.24 11.24 19.75
N VAL A 424 6.53 12.33 20.00
CA VAL A 424 6.05 13.20 18.93
C VAL A 424 7.21 14.05 18.43
N SER A 425 7.16 14.39 17.14
CA SER A 425 8.14 15.28 16.55
C SER A 425 7.93 16.71 17.02
N ASP A 426 8.97 17.52 16.92
CA ASP A 426 8.90 18.93 17.26
C ASP A 426 8.56 19.72 16.01
N HIS A 427 7.26 19.98 15.81
CA HIS A 427 6.77 20.76 14.69
C HIS A 427 5.89 21.88 15.22
N SER A 428 5.41 22.72 14.31
CA SER A 428 4.46 23.76 14.65
C SER A 428 3.05 23.32 14.28
N VAL A 429 2.06 24.01 14.86
CA VAL A 429 0.67 23.67 14.59
C VAL A 429 0.32 23.92 13.13
N GLY A 430 0.87 24.99 12.55
CA GLY A 430 0.57 25.33 11.17
C GLY A 430 1.04 24.31 10.16
N LEU A 431 2.03 23.51 10.52
CA LEU A 431 2.52 22.46 9.63
C LEU A 431 1.72 21.17 9.75
N VAL A 432 1.10 20.93 10.90
CA VAL A 432 0.32 19.71 11.08
C VAL A 432 -1.13 19.91 10.65
N VAL A 433 -1.66 21.13 10.77
CA VAL A 433 -3.00 21.41 10.28
C VAL A 433 -3.10 21.11 8.79
N LEU A 434 -2.05 21.43 8.04
CA LEU A 434 -2.02 21.16 6.61
C LEU A 434 -2.24 19.68 6.33
N SER A 435 -1.40 18.83 6.91
CA SER A 435 -1.48 17.40 6.63
C SER A 435 -2.81 16.82 7.12
N LEU A 436 -3.26 17.24 8.30
CA LEU A 436 -4.52 16.72 8.82
C LEU A 436 -5.68 17.05 7.89
N VAL A 437 -5.82 18.33 7.51
CA VAL A 437 -6.93 18.73 6.64
C VAL A 437 -6.84 18.02 5.30
N ALA A 438 -5.63 17.98 4.72
CA ALA A 438 -5.49 17.37 3.40
C ALA A 438 -5.88 15.91 3.41
N PHE A 439 -5.32 15.13 4.34
CA PHE A 439 -5.62 13.70 4.40
C PHE A 439 -7.10 13.46 4.68
N THR A 440 -7.67 14.19 5.64
CA THR A 440 -9.08 13.99 5.97
C THR A 440 -9.96 14.24 4.76
N LEU A 441 -9.75 15.35 4.05
CA LEU A 441 -10.59 15.67 2.90
C LEU A 441 -10.44 14.65 1.79
N VAL A 442 -9.19 14.32 1.43
CA VAL A 442 -8.96 13.40 0.33
C VAL A 442 -9.60 12.04 0.62
N TYR A 443 -9.40 11.53 1.85
CA TYR A 443 -9.96 10.23 2.17
C TYR A 443 -11.47 10.25 2.27
N ALA A 444 -12.06 11.38 2.69
CA ALA A 444 -13.52 11.45 2.72
C ALA A 444 -14.11 11.39 1.31
N VAL A 445 -13.52 12.14 0.38
CA VAL A 445 -14.02 12.11 -0.99
C VAL A 445 -13.85 10.72 -1.60
N LEU A 446 -12.69 10.10 -1.36
CA LEU A 446 -12.47 8.76 -1.91
C LEU A 446 -13.43 7.75 -1.31
N ALA A 447 -13.75 7.89 -0.03
CA ALA A 447 -14.68 6.94 0.58
C ALA A 447 -16.09 7.11 0.04
N VAL A 448 -16.51 8.36 -0.21
CA VAL A 448 -17.84 8.56 -0.80
C VAL A 448 -17.89 7.94 -2.20
N ILE A 449 -16.83 8.12 -2.99
CA ILE A 449 -16.82 7.53 -4.33
C ILE A 449 -16.83 6.00 -4.23
N TRP A 450 -16.10 5.45 -3.26
CA TRP A 450 -16.06 4.00 -3.07
C TRP A 450 -17.43 3.45 -2.74
N PHE A 451 -18.17 4.11 -1.84
CA PHE A 451 -19.51 3.66 -1.52
C PHE A 451 -20.42 3.74 -2.74
N PHE A 452 -20.31 4.83 -3.51
CA PHE A 452 -21.13 4.96 -4.71
C PHE A 452 -20.86 3.81 -5.69
N LEU A 453 -19.59 3.48 -5.89
CA LEU A 453 -19.24 2.41 -6.83
C LEU A 453 -19.74 1.06 -6.34
N LEU A 454 -19.55 0.76 -5.06
CA LEU A 454 -20.03 -0.53 -4.53
C LEU A 454 -21.55 -0.64 -4.65
N ARG A 455 -22.27 0.44 -4.31
CA ARG A 455 -23.73 0.39 -4.41
C ARG A 455 -24.17 0.20 -5.86
N ARG A 456 -23.52 0.91 -6.79
CA ARG A 456 -23.87 0.76 -8.21
C ARG A 456 -23.66 -0.66 -8.69
N TYR A 457 -22.50 -1.25 -8.37
CA TYR A 457 -22.20 -2.59 -8.85
C TYR A 457 -22.96 -3.68 -8.13
N ILE A 458 -23.44 -3.43 -6.90
CA ILE A 458 -24.30 -4.40 -6.25
C ILE A 458 -25.71 -4.34 -6.82
N VAL A 459 -26.22 -3.14 -7.07
CA VAL A 459 -27.54 -3.02 -7.67
C VAL A 459 -27.56 -3.58 -9.08
N GLN A 460 -26.45 -3.45 -9.81
CA GLN A 460 -26.41 -4.00 -11.16
C GLN A 460 -26.56 -5.51 -11.15
N GLY A 461 -25.96 -6.19 -10.18
CA GLY A 461 -26.06 -7.63 -10.07
C GLY A 461 -25.07 -8.34 -10.96
N PRO A 462 -25.03 -9.67 -10.87
CA PRO A 462 -24.11 -10.44 -11.73
C PRO A 462 -24.57 -10.35 -13.18
N SER A 463 -23.66 -9.93 -14.05
CA SER A 463 -24.03 -9.71 -15.45
C SER A 463 -24.16 -11.05 -16.17
N GLU A 464 -25.06 -11.90 -15.68
CA GLU A 464 -25.24 -13.23 -16.25
C GLU A 464 -25.70 -13.15 -17.70
N HIS A 465 -26.55 -12.17 -18.01
CA HIS A 465 -26.98 -11.97 -19.39
C HIS A 465 -25.89 -11.33 -20.25
N ASP A 466 -24.95 -10.62 -19.63
CA ASP A 466 -23.90 -9.92 -20.37
C ASP A 466 -22.67 -10.81 -20.54
N SER A 467 -22.89 -11.93 -21.24
CA SER A 467 -21.81 -12.79 -21.73
C SER A 467 -20.95 -13.32 -20.57
N GLU A 468 -21.58 -14.15 -19.75
CA GLU A 468 -20.89 -14.81 -18.64
C GLU A 468 -20.95 -16.34 -18.74
N PRO A 469 -20.40 -16.93 -19.82
CA PRO A 469 -20.05 -18.36 -19.76
C PRO A 469 -18.58 -18.52 -19.40
N ALA A 470 -18.17 -19.73 -19.04
CA ALA A 470 -16.75 -19.99 -18.80
C ALA A 470 -15.95 -19.67 -20.06
N ALA A 471 -14.97 -18.78 -19.91
CA ALA A 471 -14.18 -18.34 -21.06
C ALA A 471 -13.44 -19.52 -21.69
N PRO A 472 -13.33 -19.55 -23.02
CA PRO A 472 -12.71 -20.71 -23.69
C PRO A 472 -11.19 -20.72 -23.56
N ARG A 473 -10.59 -19.53 -23.46
CA ARG A 473 -9.15 -19.35 -23.33
C ARG A 473 -8.39 -20.08 -24.42
N PRO A 474 -8.43 -19.60 -25.67
CA PRO A 474 -7.68 -20.25 -26.75
C PRO A 474 -6.20 -20.03 -26.59
N PRO A 475 -5.36 -20.82 -27.27
CA PRO A 475 -3.90 -20.69 -27.09
C PRO A 475 -3.34 -19.37 -27.60
N ASP A 476 -2.03 -19.18 -27.43
CA ASP A 476 -1.37 -17.94 -27.77
C ASP A 476 -1.01 -17.91 -29.25
N ALA A 477 -0.16 -16.95 -29.63
CA ALA A 477 0.29 -16.77 -31.02
C ALA A 477 -0.89 -16.50 -31.95
N ASP A 478 -1.77 -15.60 -31.51
CA ASP A 478 -2.93 -15.20 -32.29
C ASP A 478 -3.36 -13.81 -31.87
N ASP A 479 -3.53 -12.91 -32.85
CA ASP A 479 -3.97 -11.54 -32.58
C ASP A 479 -5.46 -11.55 -32.30
N VAL A 480 -5.81 -11.99 -31.09
CA VAL A 480 -7.20 -12.00 -30.66
C VAL A 480 -7.72 -10.58 -30.60
N ALA A 481 -8.95 -10.38 -31.06
CA ALA A 481 -9.51 -9.02 -31.13
C ALA A 481 -9.53 -8.32 -29.78
N PRO A 482 -10.06 -8.91 -28.70
CA PRO A 482 -9.93 -8.26 -27.39
C PRO A 482 -8.72 -8.77 -26.62
N LEU A 483 -8.48 -8.21 -25.43
CA LEU A 483 -7.51 -8.76 -24.49
C LEU A 483 -8.16 -9.22 -23.20
N SER A 484 -9.49 -9.15 -23.10
CA SER A 484 -10.29 -9.59 -21.96
C SER A 484 -10.20 -8.64 -20.76
N PHE A 485 -9.27 -7.68 -20.81
CA PHE A 485 -9.18 -6.63 -19.80
C PHE A 485 -8.15 -5.62 -20.26
N ALA A 486 -8.46 -4.33 -20.12
CA ALA A 486 -7.53 -3.31 -20.56
C ALA A 486 -7.47 -2.06 -19.70
N TYR A 487 -8.04 -2.08 -18.49
CA TYR A 487 -8.20 -0.84 -17.72
C TYR A 487 -8.89 0.26 -18.52
N MET B 1 32.20 -8.41 5.42
CA MET B 1 33.03 -7.27 5.77
C MET B 1 32.21 -5.98 5.79
N GLY B 2 31.96 -5.45 6.99
CA GLY B 2 31.21 -4.22 7.11
C GLY B 2 29.75 -4.35 6.77
N LEU B 3 28.97 -5.02 7.64
CA LEU B 3 27.54 -5.09 7.46
C LEU B 3 26.91 -3.73 7.21
N GLN B 4 27.46 -2.68 7.80
CA GLN B 4 26.94 -1.33 7.57
C GLN B 4 27.12 -0.90 6.11
N GLU B 5 28.31 -1.14 5.56
CA GLU B 5 28.55 -0.80 4.16
C GLU B 5 27.73 -1.70 3.24
N LEU B 6 27.61 -2.98 3.57
CA LEU B 6 26.78 -3.87 2.79
C LEU B 6 25.34 -3.38 2.75
N TRP B 7 24.84 -2.86 3.88
CA TRP B 7 23.46 -2.39 3.87
C TRP B 7 23.29 -1.04 3.22
N PHE B 8 24.34 -0.21 3.23
CA PHE B 8 24.35 0.96 2.36
C PHE B 8 24.17 0.56 0.90
N ILE B 9 24.95 -0.43 0.46
CA ILE B 9 24.83 -0.92 -0.92
C ILE B 9 23.43 -1.46 -1.19
N LEU B 10 22.87 -2.18 -0.22
CA LEU B 10 21.55 -2.77 -0.44
C LEU B 10 20.46 -1.71 -0.52
N LEU B 11 20.53 -0.68 0.31
CA LEU B 11 19.57 0.42 0.19
C LEU B 11 19.71 1.13 -1.15
N ALA B 12 20.95 1.31 -1.61
CA ALA B 12 21.17 1.86 -2.94
C ALA B 12 20.51 1.00 -4.01
N VAL B 13 20.61 -0.33 -3.88
CA VAL B 13 20.03 -1.22 -4.88
C VAL B 13 18.50 -1.14 -4.86
N LEU B 14 17.91 -1.02 -3.68
CA LEU B 14 16.46 -0.89 -3.61
C LEU B 14 15.98 0.41 -4.26
N PHE B 15 16.66 1.52 -3.96
CA PHE B 15 16.28 2.78 -4.61
C PHE B 15 16.55 2.75 -6.12
N LEU B 16 17.60 2.03 -6.53
CA LEU B 16 17.87 1.89 -7.96
C LEU B 16 16.77 1.12 -8.66
N GLY B 17 16.30 0.02 -8.05
CA GLY B 17 15.18 -0.70 -8.62
C GLY B 17 13.93 0.15 -8.69
N PHE B 18 13.66 0.91 -7.64
CA PHE B 18 12.50 1.80 -7.66
C PHE B 18 12.58 2.79 -8.82
N PHE B 19 13.71 3.49 -8.94
CA PHE B 19 13.85 4.46 -10.02
C PHE B 19 13.76 3.80 -11.38
N LEU B 20 14.42 2.66 -11.55
CA LEU B 20 14.46 1.99 -12.85
C LEU B 20 13.08 1.53 -13.28
N LEU B 21 12.29 0.99 -12.36
CA LEU B 21 10.99 0.44 -12.72
C LEU B 21 9.86 1.45 -12.67
N GLU B 22 10.05 2.60 -12.01
CA GLU B 22 9.05 3.65 -12.04
C GLU B 22 9.37 4.74 -13.05
N GLY B 23 10.56 4.73 -13.66
CA GLY B 23 10.84 5.69 -14.71
C GLY B 23 9.84 5.62 -15.83
N PHE B 24 9.65 4.44 -16.42
CA PHE B 24 8.72 4.36 -17.53
C PHE B 24 7.27 4.44 -17.07
N ASP B 25 6.98 4.11 -15.81
CA ASP B 25 5.64 4.37 -15.28
C ASP B 25 5.33 5.87 -15.31
N PHE B 26 6.22 6.67 -14.73
CA PHE B 26 6.01 8.12 -14.75
C PHE B 26 6.03 8.67 -16.17
N GLY B 27 6.85 8.10 -17.04
CA GLY B 27 6.87 8.56 -18.42
C GLY B 27 5.57 8.30 -19.15
N VAL B 28 5.00 7.09 -18.99
CA VAL B 28 3.72 6.78 -19.60
C VAL B 28 2.63 7.68 -19.03
N GLY B 29 2.67 7.92 -17.72
CA GLY B 29 1.69 8.81 -17.12
C GLY B 29 1.77 10.23 -17.65
N MET B 30 2.99 10.71 -17.88
CA MET B 30 3.15 12.05 -18.45
C MET B 30 2.75 12.10 -19.92
N LEU B 31 2.90 10.99 -20.65
CA LEU B 31 2.76 11.01 -22.10
C LEU B 31 1.39 10.56 -22.61
N MET B 32 0.55 9.94 -21.78
CA MET B 32 -0.71 9.42 -22.29
C MET B 32 -1.63 10.54 -22.80
N SER B 33 -1.57 11.71 -22.17
CA SER B 33 -2.37 12.84 -22.65
C SER B 33 -1.97 13.23 -24.06
N PHE B 34 -0.66 13.31 -24.34
CA PHE B 34 -0.20 13.64 -25.68
C PHE B 34 -0.48 12.51 -26.66
N PHE B 35 -0.48 11.26 -26.18
CA PHE B 35 -0.87 10.15 -27.04
C PHE B 35 -2.30 10.30 -27.51
N GLY B 36 -3.20 10.63 -26.60
CA GLY B 36 -4.58 10.89 -26.99
C GLY B 36 -4.71 12.11 -27.88
N ARG B 37 -3.96 13.17 -27.59
CA ARG B 37 -4.07 14.40 -28.36
C ARG B 37 -3.50 14.27 -29.77
N ALA B 38 -2.59 13.33 -30.00
CA ALA B 38 -2.04 13.13 -31.33
C ALA B 38 -2.96 12.34 -32.24
N ALA B 39 -3.97 11.67 -31.67
CA ALA B 39 -4.93 10.92 -32.46
C ALA B 39 -6.06 11.79 -32.98
N GLU B 40 -6.48 12.79 -32.20
CA GLU B 40 -7.52 13.70 -32.68
C GLU B 40 -7.05 14.53 -33.86
N LYS B 41 -5.75 14.80 -33.94
CA LYS B 41 -5.20 15.53 -35.07
C LYS B 41 -5.13 14.70 -36.35
N ARG B 42 -5.48 13.40 -36.27
CA ARG B 42 -5.63 12.56 -37.45
C ARG B 42 -7.08 12.27 -37.78
N GLY B 43 -8.02 12.66 -36.92
CA GLY B 43 -9.43 12.39 -37.12
C GLY B 43 -9.97 11.23 -36.31
N GLN B 44 -9.11 10.31 -35.88
CA GLN B 44 -9.55 9.15 -35.13
C GLN B 44 -10.01 9.57 -33.73
N ASP B 45 -10.70 8.67 -33.07
CA ASP B 45 -11.01 9.02 -31.70
C ASP B 45 -9.85 8.62 -30.79
N PRO B 46 -9.65 9.32 -29.68
CA PRO B 46 -8.44 9.11 -28.88
C PRO B 46 -8.55 8.09 -27.76
N GLU B 47 -9.75 7.56 -27.47
CA GLU B 47 -9.89 6.69 -26.31
C GLU B 47 -9.15 5.37 -26.47
N PRO B 48 -9.24 4.66 -27.61
CA PRO B 48 -8.43 3.43 -27.73
C PRO B 48 -6.94 3.70 -27.64
N TYR B 49 -6.46 4.86 -28.10
CA TYR B 49 -5.04 5.15 -28.04
C TYR B 49 -4.60 5.43 -26.61
N ARG B 50 -5.41 6.17 -25.85
CA ARG B 50 -5.09 6.39 -24.44
C ARG B 50 -5.10 5.07 -23.66
N ARG B 51 -6.08 4.20 -23.94
CA ARG B 51 -6.12 2.92 -23.26
C ARG B 51 -4.92 2.05 -23.64
N ALA B 52 -4.51 2.08 -24.91
CA ALA B 52 -3.36 1.29 -25.34
C ALA B 52 -2.07 1.82 -24.74
N ALA B 53 -1.97 3.13 -24.52
CA ALA B 53 -0.81 3.68 -23.83
C ALA B 53 -0.79 3.26 -22.37
N LEU B 54 -1.94 3.35 -21.69
CA LEU B 54 -1.99 2.98 -20.28
C LEU B 54 -1.79 1.49 -20.07
N ASN B 55 -2.17 0.66 -21.04
CA ASN B 55 -2.15 -0.78 -20.88
C ASN B 55 -0.75 -1.37 -20.91
N THR B 56 0.27 -0.62 -21.31
CA THR B 56 1.61 -1.17 -21.33
C THR B 56 2.19 -1.34 -19.93
N ILE B 57 1.62 -0.70 -18.93
CA ILE B 57 2.06 -0.84 -17.55
C ILE B 57 0.91 -1.39 -16.72
N GLY B 58 0.01 -2.12 -17.37
CA GLY B 58 -1.18 -2.62 -16.73
C GLY B 58 -0.91 -3.56 -15.55
N PRO B 59 -0.32 -4.72 -15.83
CA PRO B 59 -0.18 -5.74 -14.79
C PRO B 59 1.02 -5.57 -13.87
N VAL B 60 1.80 -4.50 -14.01
CA VAL B 60 3.11 -4.47 -13.35
C VAL B 60 3.32 -3.22 -12.50
N TRP B 61 2.40 -2.25 -12.58
CA TRP B 61 2.65 -0.97 -11.94
C TRP B 61 2.63 -1.07 -10.42
N ASP B 62 1.79 -1.93 -9.85
CA ASP B 62 1.73 -2.06 -8.40
C ASP B 62 3.01 -2.68 -7.86
N GLY B 63 3.43 -3.80 -8.46
CA GLY B 63 4.70 -4.38 -8.08
C GLY B 63 5.87 -3.45 -8.32
N ASN B 64 5.74 -2.54 -9.29
CA ASN B 64 6.77 -1.54 -9.48
C ASN B 64 6.83 -0.56 -8.31
N GLU B 65 5.66 -0.11 -7.84
CA GLU B 65 5.68 0.90 -6.77
C GLU B 65 5.97 0.30 -5.40
N VAL B 66 5.86 -1.03 -5.23
CA VAL B 66 6.22 -1.62 -3.95
C VAL B 66 7.70 -1.39 -3.60
N TRP B 67 8.53 -1.05 -4.59
CA TRP B 67 9.94 -0.85 -4.33
C TRP B 67 10.19 0.36 -3.43
N LEU B 68 9.40 1.41 -3.59
CA LEU B 68 9.54 2.57 -2.71
C LEU B 68 9.16 2.23 -1.27
N ILE B 69 8.08 1.46 -1.11
CA ILE B 69 7.64 1.06 0.22
C ILE B 69 8.72 0.22 0.90
N THR B 70 9.29 -0.73 0.16
CA THR B 70 10.29 -1.58 0.78
C THR B 70 11.60 -0.83 1.00
N ALA B 71 11.89 0.20 0.20
CA ALA B 71 13.06 1.02 0.47
C ALA B 71 12.90 1.84 1.73
N GLY B 72 11.71 2.42 1.94
CA GLY B 72 11.45 3.12 3.18
C GLY B 72 11.50 2.20 4.39
N GLY B 73 10.94 1.00 4.25
CA GLY B 73 11.03 0.03 5.33
C GLY B 73 12.46 -0.37 5.63
N ALA B 74 13.28 -0.52 4.60
CA ALA B 74 14.69 -0.87 4.81
C ALA B 74 15.44 0.28 5.47
N MET B 75 15.11 1.53 5.13
CA MET B 75 15.68 2.66 5.85
C MET B 75 15.30 2.62 7.33
N PHE B 76 14.04 2.31 7.63
CA PHE B 76 13.62 2.27 9.02
C PHE B 76 14.28 1.12 9.77
N ALA B 77 14.58 0.02 9.07
CA ALA B 77 15.15 -1.14 9.74
C ALA B 77 16.66 -0.99 9.95
N ALA B 78 17.39 -0.51 8.94
CA ALA B 78 18.84 -0.51 8.99
C ALA B 78 19.42 0.80 9.49
N PHE B 79 18.86 1.94 9.09
CA PHE B 79 19.34 3.26 9.49
C PHE B 79 18.16 4.06 10.03
N PRO B 80 17.72 3.77 11.25
CA PRO B 80 16.54 4.48 11.78
C PRO B 80 16.78 5.96 12.02
N GLU B 81 18.00 6.37 12.36
CA GLU B 81 18.27 7.79 12.58
C GLU B 81 18.12 8.58 11.29
N MET B 82 18.63 8.04 10.19
CA MET B 82 18.43 8.67 8.89
C MET B 82 16.96 8.74 8.53
N TYR B 83 16.23 7.66 8.76
CA TYR B 83 14.79 7.65 8.53
C TYR B 83 14.10 8.80 9.25
N ALA B 84 14.29 8.86 10.57
CA ALA B 84 13.64 9.89 11.37
C ALA B 84 14.01 11.29 10.89
N SER B 85 15.31 11.57 10.80
CA SER B 85 15.75 12.93 10.46
C SER B 85 15.30 13.33 9.06
N MET B 86 15.49 12.44 8.08
CA MET B 86 15.18 12.79 6.70
C MET B 86 13.68 12.98 6.50
N PHE B 87 12.85 12.14 7.14
CA PHE B 87 11.42 12.29 6.89
C PHE B 87 10.76 13.36 7.75
N SER B 88 11.38 13.75 8.87
CA SER B 88 10.87 14.91 9.58
C SER B 88 11.41 16.22 9.04
N GLY B 89 12.49 16.18 8.27
CA GLY B 89 13.02 17.39 7.66
C GLY B 89 12.32 17.75 6.37
N LEU B 90 12.07 16.75 5.52
CA LEU B 90 11.38 16.97 4.25
C LEU B 90 9.89 16.67 4.41
N TYR B 91 9.22 17.48 5.23
CA TYR B 91 7.83 17.22 5.57
C TYR B 91 6.89 17.59 4.42
N LEU B 92 7.03 18.80 3.87
CA LEU B 92 6.12 19.26 2.83
C LEU B 92 6.30 18.48 1.54
N ALA B 93 7.55 18.18 1.18
CA ALA B 93 7.80 17.41 -0.03
C ALA B 93 7.15 16.03 0.04
N LEU B 94 7.30 15.36 1.18
CA LEU B 94 6.67 14.05 1.35
C LEU B 94 5.16 14.17 1.35
N LEU B 95 4.62 15.21 1.97
CA LEU B 95 3.17 15.40 1.99
C LEU B 95 2.63 15.53 0.57
N VAL B 96 3.29 16.35 -0.26
CA VAL B 96 2.84 16.54 -1.64
C VAL B 96 2.98 15.24 -2.44
N ILE B 97 4.12 14.56 -2.29
CA ILE B 97 4.34 13.31 -3.02
C ILE B 97 3.27 12.29 -2.67
N LEU B 98 2.90 12.21 -1.40
CA LEU B 98 1.91 11.22 -0.98
C LEU B 98 0.52 11.59 -1.48
N CYS B 99 0.15 12.87 -1.42
CA CYS B 99 -1.15 13.27 -1.95
C CYS B 99 -1.25 13.01 -3.45
N ALA B 100 -0.14 13.09 -4.18
CA ALA B 100 -0.19 12.78 -5.60
C ALA B 100 -0.25 11.27 -5.85
N MET B 101 0.49 10.49 -5.06
CA MET B 101 0.49 9.04 -5.24
C MET B 101 -0.88 8.44 -4.96
N ILE B 102 -1.57 8.94 -3.93
CA ILE B 102 -2.91 8.45 -3.63
C ILE B 102 -3.82 8.59 -4.84
N LEU B 103 -3.82 9.78 -5.45
CA LEU B 103 -4.69 10.04 -6.58
C LEU B 103 -4.33 9.18 -7.78
N ARG B 104 -3.03 9.03 -8.05
CA ARG B 104 -2.65 8.17 -9.17
C ARG B 104 -3.11 6.73 -8.95
N ILE B 105 -2.86 6.19 -7.76
CA ILE B 105 -3.22 4.82 -7.46
C ILE B 105 -4.71 4.60 -7.67
N VAL B 106 -5.53 5.51 -7.14
CA VAL B 106 -6.97 5.25 -7.21
C VAL B 106 -7.52 5.52 -8.61
N ALA B 107 -6.94 6.48 -9.34
CA ALA B 107 -7.45 6.81 -10.67
C ALA B 107 -7.14 5.71 -11.66
N ILE B 108 -5.91 5.19 -11.65
CA ILE B 108 -5.52 4.15 -12.61
C ILE B 108 -6.52 3.01 -12.58
N GLU B 109 -7.01 2.66 -11.41
CA GLU B 109 -7.79 1.45 -11.26
C GLU B 109 -9.29 1.69 -11.20
N TRP B 110 -9.74 2.93 -10.98
CA TRP B 110 -11.16 3.24 -11.06
C TRP B 110 -11.55 3.92 -12.37
N ARG B 111 -10.59 4.18 -13.27
CA ARG B 111 -10.90 4.92 -14.49
C ARG B 111 -11.98 4.22 -15.33
N GLY B 112 -11.89 2.91 -15.47
CA GLY B 112 -12.76 2.23 -16.40
C GLY B 112 -13.97 1.54 -15.80
N LYS B 113 -14.53 2.10 -14.73
CA LYS B 113 -15.69 1.51 -14.09
C LYS B 113 -17.01 2.12 -14.53
N ILE B 114 -17.00 3.34 -15.09
CA ILE B 114 -18.21 4.04 -15.49
C ILE B 114 -17.97 4.65 -16.86
N ASP B 115 -19.00 4.62 -17.71
CA ASP B 115 -18.88 5.01 -19.11
C ASP B 115 -19.35 6.44 -19.35
N ASP B 116 -19.10 7.34 -18.41
CA ASP B 116 -19.39 8.74 -18.70
C ASP B 116 -18.13 9.46 -19.16
N PRO B 117 -18.25 10.39 -20.11
CA PRO B 117 -17.05 11.10 -20.57
C PRO B 117 -16.47 12.05 -19.54
N GLY B 118 -17.29 12.55 -18.62
CA GLY B 118 -16.76 13.40 -17.57
C GLY B 118 -16.08 12.62 -16.47
N TRP B 119 -16.46 11.35 -16.29
CA TRP B 119 -15.81 10.51 -15.30
C TRP B 119 -14.37 10.20 -15.70
N ARG B 120 -14.08 10.14 -16.99
CA ARG B 120 -12.74 9.82 -17.45
C ARG B 120 -11.81 11.03 -17.43
N ARG B 121 -12.36 12.24 -17.47
CA ARG B 121 -11.52 13.43 -17.41
C ARG B 121 -10.83 13.56 -16.07
N TRP B 122 -11.56 13.31 -14.98
CA TRP B 122 -10.94 13.39 -13.66
C TRP B 122 -9.94 12.28 -13.45
N ALA B 123 -10.21 11.09 -14.00
CA ALA B 123 -9.23 10.00 -13.90
C ALA B 123 -7.96 10.34 -14.66
N ASP B 124 -8.09 10.94 -15.84
CA ASP B 124 -6.90 11.36 -16.59
C ASP B 124 -6.14 12.44 -15.86
N THR B 125 -6.85 13.39 -15.25
CA THR B 125 -6.18 14.45 -14.48
C THR B 125 -5.45 13.87 -13.28
N GLY B 126 -6.05 12.90 -12.60
CA GLY B 126 -5.37 12.27 -11.48
C GLY B 126 -4.12 11.52 -11.90
N ILE B 127 -4.21 10.78 -13.01
CA ILE B 127 -3.03 10.08 -13.52
C ILE B 127 -1.94 11.08 -13.87
N ALA B 128 -2.31 12.17 -14.55
CA ALA B 128 -1.33 13.16 -14.94
C ALA B 128 -0.64 13.80 -13.74
N VAL B 129 -1.42 14.14 -12.70
CA VAL B 129 -0.84 14.77 -11.52
C VAL B 129 0.08 13.80 -10.79
N GLY B 130 -0.42 12.58 -10.53
CA GLY B 130 0.38 11.58 -9.84
C GLY B 130 1.59 11.09 -10.61
N SER B 131 1.65 11.37 -11.90
CA SER B 131 2.86 11.07 -12.67
C SER B 131 3.80 12.26 -12.81
N TRP B 132 3.26 13.49 -12.82
CA TRP B 132 4.11 14.66 -12.99
C TRP B 132 4.78 15.08 -11.70
N VAL B 133 4.12 14.93 -10.56
CA VAL B 133 4.64 15.52 -9.33
C VAL B 133 5.82 14.74 -8.77
N PRO B 134 5.73 13.43 -8.52
CA PRO B 134 6.90 12.73 -7.97
C PRO B 134 8.09 12.74 -8.90
N ALA B 135 7.88 12.72 -10.21
CA ALA B 135 8.98 12.75 -11.17
C ALA B 135 9.89 13.95 -10.98
N ILE B 136 9.40 15.03 -10.39
CA ILE B 136 10.20 16.20 -10.10
C ILE B 136 10.63 16.23 -8.63
N LEU B 137 9.71 15.89 -7.73
CA LEU B 137 10.00 16.04 -6.31
C LEU B 137 11.04 15.04 -5.84
N TRP B 138 11.12 13.84 -6.44
CA TRP B 138 12.13 12.89 -6.01
C TRP B 138 13.52 13.34 -6.41
N GLY B 139 13.65 13.86 -7.63
CA GLY B 139 14.93 14.44 -8.04
C GLY B 139 15.34 15.60 -7.17
N VAL B 140 14.39 16.48 -6.84
CA VAL B 140 14.69 17.60 -5.95
C VAL B 140 15.15 17.09 -4.59
N ALA B 141 14.46 16.09 -4.04
CA ALA B 141 14.80 15.58 -2.72
C ALA B 141 16.19 14.96 -2.70
N PHE B 142 16.51 14.13 -3.69
CA PHE B 142 17.82 13.48 -3.68
C PHE B 142 18.94 14.45 -3.99
N ALA B 143 18.70 15.45 -4.86
CA ALA B 143 19.72 16.46 -5.09
C ALA B 143 19.99 17.26 -3.82
N SER B 144 18.93 17.63 -3.09
CA SER B 144 19.13 18.35 -1.83
C SER B 144 19.82 17.47 -0.79
N LEU B 145 19.58 16.17 -0.83
CA LEU B 145 20.23 15.26 0.11
C LEU B 145 21.72 15.15 -0.19
N VAL B 146 22.09 15.07 -1.47
CA VAL B 146 23.50 15.02 -1.83
C VAL B 146 24.19 16.34 -1.54
N ARG B 147 23.48 17.46 -1.73
CA ARG B 147 24.09 18.76 -1.47
C ARG B 147 24.30 18.99 0.02
N GLY B 148 23.36 18.57 0.85
CA GLY B 148 23.50 18.74 2.29
C GLY B 148 22.33 19.48 2.91
N LEU B 149 22.00 19.15 4.15
CA LEU B 149 20.88 19.74 4.85
C LEU B 149 21.36 20.36 6.16
N PRO B 150 20.57 21.23 6.80
CA PRO B 150 21.01 21.84 8.07
C PRO B 150 20.67 21.01 9.32
N VAL B 151 21.42 19.93 9.52
CA VAL B 151 21.25 19.11 10.71
C VAL B 151 21.83 19.87 11.90
N ASP B 152 20.98 20.20 12.88
CA ASP B 152 21.38 21.17 13.88
C ASP B 152 22.43 20.63 14.84
N ALA B 153 22.08 19.68 15.71
CA ALA B 153 23.09 19.01 16.51
C ALA B 153 22.97 17.49 16.45
N ASP B 154 21.75 16.97 16.43
CA ASP B 154 21.51 15.53 16.44
C ASP B 154 20.43 15.17 15.44
N LYS B 155 19.53 16.12 15.19
CA LYS B 155 18.28 15.86 14.49
C LYS B 155 17.66 17.17 14.01
N GLN B 156 16.39 17.13 13.67
CA GLN B 156 15.58 18.34 13.51
C GLN B 156 16.17 19.25 12.42
N ILE B 157 16.12 18.74 11.20
CA ILE B 157 16.41 19.55 10.02
C ILE B 157 15.24 20.52 9.82
N HIS B 158 15.51 21.81 9.93
CA HIS B 158 14.50 22.85 9.74
C HIS B 158 14.95 23.77 8.62
N LEU B 159 14.46 23.51 7.41
CA LEU B 159 14.82 24.25 6.21
C LEU B 159 13.61 25.03 5.69
N SER B 160 13.83 26.27 5.24
CA SER B 160 12.69 27.06 4.82
C SER B 160 12.44 27.10 3.31
N PHE B 161 13.29 27.82 2.57
CA PHE B 161 13.08 27.96 1.12
C PHE B 161 14.34 27.94 0.29
N PHE B 162 15.53 28.14 0.87
CA PHE B 162 16.77 28.19 0.11
C PHE B 162 17.67 27.00 0.38
N GLY B 163 17.25 26.07 1.21
CA GLY B 163 18.01 24.86 1.46
C GLY B 163 17.34 23.67 0.81
N ASP B 164 16.07 23.83 0.43
CA ASP B 164 15.32 22.80 -0.27
C ASP B 164 15.22 23.08 -1.77
N LEU B 165 14.97 24.32 -2.15
CA LEU B 165 14.86 24.70 -3.56
C LEU B 165 15.94 25.69 -3.95
N LEU B 166 17.17 25.44 -3.51
CA LEU B 166 18.31 26.20 -4.03
C LEU B 166 18.31 26.07 -5.54
N ASN B 167 18.12 27.20 -6.23
CA ASN B 167 18.04 27.16 -7.69
C ASN B 167 19.22 26.43 -8.28
N ALA B 168 20.42 26.88 -7.93
CA ALA B 168 21.62 26.12 -8.24
C ALA B 168 21.51 24.70 -7.70
N TYR B 169 21.63 23.73 -8.61
CA TYR B 169 21.88 22.31 -8.35
C TYR B 169 20.66 21.54 -7.86
N THR B 170 19.53 22.17 -7.53
CA THR B 170 18.42 21.40 -6.99
C THR B 170 17.20 21.36 -7.90
N LEU B 171 16.77 22.51 -8.44
CA LEU B 171 15.71 22.45 -9.44
C LEU B 171 16.23 21.87 -10.76
N LEU B 172 17.52 22.05 -11.03
CA LEU B 172 18.14 21.38 -12.17
C LEU B 172 18.04 19.87 -12.03
N GLY B 173 18.15 19.37 -10.80
CA GLY B 173 17.99 17.93 -10.58
C GLY B 173 16.59 17.45 -10.91
N GLY B 174 15.58 18.18 -10.47
CA GLY B 174 14.22 17.80 -10.78
C GLY B 174 13.92 17.88 -12.27
N LEU B 175 14.42 18.92 -12.94
CA LEU B 175 14.23 19.03 -14.38
C LEU B 175 14.89 17.87 -15.11
N ALA B 176 16.13 17.54 -14.73
CA ALA B 176 16.83 16.44 -15.37
C ALA B 176 16.10 15.12 -15.13
N THR B 177 15.60 14.91 -13.91
CA THR B 177 14.90 13.66 -13.62
C THR B 177 13.60 13.55 -14.42
N CYS B 178 12.85 14.65 -14.52
CA CYS B 178 11.62 14.63 -15.30
C CYS B 178 11.90 14.33 -16.77
N ALA B 179 12.91 15.01 -17.34
CA ALA B 179 13.24 14.78 -18.74
C ALA B 179 13.70 13.35 -18.99
N LEU B 180 14.53 12.81 -18.08
CA LEU B 180 15.02 11.45 -18.24
C LEU B 180 13.89 10.44 -18.13
N PHE B 181 12.96 10.65 -17.20
CA PHE B 181 11.85 9.71 -17.06
C PHE B 181 10.92 9.78 -18.27
N ALA B 182 10.72 10.98 -18.83
CA ALA B 182 9.92 11.10 -20.04
C ALA B 182 10.56 10.35 -21.20
N PHE B 183 11.87 10.52 -21.39
CA PHE B 183 12.57 9.81 -22.45
C PHE B 183 12.51 8.29 -22.24
N HIS B 184 12.71 7.85 -21.00
CA HIS B 184 12.66 6.43 -20.66
C HIS B 184 11.29 5.85 -20.98
N GLY B 185 10.22 6.56 -20.60
CA GLY B 185 8.88 6.07 -20.88
C GLY B 185 8.55 6.06 -22.37
N ALA B 186 9.02 7.07 -23.10
CA ALA B 186 8.77 7.11 -24.53
C ALA B 186 9.42 5.92 -25.23
N VAL B 187 10.70 5.66 -24.92
CA VAL B 187 11.37 4.53 -25.55
C VAL B 187 10.91 3.18 -25.00
N PHE B 188 10.23 3.17 -23.86
CA PHE B 188 9.62 1.94 -23.37
C PHE B 188 8.33 1.63 -24.12
N VAL B 189 7.48 2.64 -24.31
CA VAL B 189 6.26 2.43 -25.08
C VAL B 189 6.58 2.11 -26.53
N SER B 190 7.67 2.68 -27.07
CA SER B 190 8.07 2.36 -28.43
C SER B 190 8.42 0.89 -28.63
N LEU B 191 8.57 0.12 -27.56
CA LEU B 191 8.98 -1.27 -27.63
C LEU B 191 7.86 -2.26 -27.37
N LYS B 192 6.75 -1.82 -26.79
CA LYS B 192 5.64 -2.70 -26.42
C LYS B 192 4.40 -2.47 -27.28
N THR B 193 4.50 -1.73 -28.38
CA THR B 193 3.36 -1.43 -29.24
C THR B 193 3.70 -1.77 -30.68
N SER B 194 2.67 -1.83 -31.54
CA SER B 194 2.76 -2.55 -32.81
C SER B 194 2.22 -1.79 -34.02
N GLY B 195 2.63 -0.54 -34.21
CA GLY B 195 2.54 -0.01 -35.56
C GLY B 195 2.09 1.41 -35.84
N GLU B 196 1.18 1.97 -35.05
CA GLU B 196 0.83 3.37 -35.24
C GLU B 196 0.88 4.18 -33.96
N ILE B 197 0.78 3.57 -32.79
CA ILE B 197 1.20 4.22 -31.58
C ILE B 197 2.72 4.12 -31.42
N ARG B 198 3.33 3.13 -32.05
CA ARG B 198 4.79 3.02 -32.04
C ARG B 198 5.45 4.21 -32.72
N THR B 199 4.91 4.64 -33.85
CA THR B 199 5.50 5.79 -34.53
C THR B 199 5.26 7.08 -33.76
N ASP B 200 4.13 7.20 -33.07
CA ASP B 200 3.90 8.35 -32.19
C ASP B 200 4.93 8.37 -31.06
N ALA B 201 5.21 7.21 -30.47
CA ALA B 201 6.21 7.14 -29.42
C ALA B 201 7.60 7.49 -29.95
N PHE B 202 7.90 7.05 -31.17
CA PHE B 202 9.18 7.42 -31.79
C PHE B 202 9.26 8.93 -32.00
N GLY B 203 8.17 9.56 -32.42
CA GLY B 203 8.17 11.01 -32.57
C GLY B 203 8.39 11.73 -31.25
N PHE B 204 7.70 11.27 -30.20
CA PHE B 204 7.90 11.87 -28.88
C PHE B 204 9.35 11.73 -28.42
N ALA B 205 9.94 10.54 -28.62
CA ALA B 205 11.32 10.34 -28.20
C ALA B 205 12.28 11.18 -29.02
N ARG B 206 12.02 11.36 -30.31
CA ARG B 206 12.87 12.22 -31.11
C ARG B 206 12.76 13.67 -30.69
N LEU B 207 11.61 14.07 -30.16
CA LEU B 207 11.49 15.43 -29.63
C LEU B 207 12.17 15.57 -28.27
N LEU B 208 12.18 14.50 -27.47
CA LEU B 208 12.72 14.55 -26.12
C LEU B 208 14.21 14.24 -26.03
N ALA B 209 14.81 13.72 -27.09
CA ALA B 209 16.19 13.25 -27.03
C ALA B 209 17.15 14.31 -26.52
N LEU B 210 17.22 15.44 -27.21
CA LEU B 210 18.26 16.43 -26.92
C LEU B 210 18.10 17.11 -25.56
N PRO B 211 16.90 17.57 -25.18
CA PRO B 211 16.76 18.17 -23.84
C PRO B 211 17.19 17.25 -22.71
N ALA B 212 16.79 15.99 -22.75
CA ALA B 212 17.20 15.05 -21.72
C ALA B 212 18.71 14.87 -21.69
N THR B 213 19.32 14.74 -22.87
CA THR B 213 20.78 14.61 -22.97
C THR B 213 21.46 15.80 -22.30
N ALA B 214 21.10 17.02 -22.70
CA ALA B 214 21.75 18.20 -22.17
C ALA B 214 21.53 18.33 -20.67
N LEU B 215 20.31 18.06 -20.20
CA LEU B 215 20.01 18.22 -18.78
C LEU B 215 20.79 17.24 -17.93
N VAL B 216 20.79 15.95 -18.32
CA VAL B 216 21.50 14.98 -17.48
C VAL B 216 23.00 15.18 -17.59
N ALA B 217 23.50 15.65 -18.74
CA ALA B 217 24.93 15.93 -18.84
C ALA B 217 25.33 17.07 -17.92
N ALA B 218 24.57 18.16 -17.93
CA ALA B 218 24.88 19.29 -17.05
C ALA B 218 24.80 18.89 -15.59
N PHE B 219 23.76 18.13 -15.22
CA PHE B 219 23.62 17.71 -13.83
C PHE B 219 24.77 16.79 -13.41
N GLY B 220 25.17 15.87 -14.29
CA GLY B 220 26.27 15.00 -13.96
C GLY B 220 27.58 15.73 -13.77
N VAL B 221 27.87 16.69 -14.67
CA VAL B 221 29.11 17.44 -14.54
C VAL B 221 29.10 18.27 -13.27
N TRP B 222 27.99 18.96 -12.99
CA TRP B 222 27.92 19.76 -11.77
C TRP B 222 28.10 18.89 -10.53
N THR B 223 27.43 17.74 -10.50
CA THR B 223 27.53 16.87 -9.33
C THR B 223 28.96 16.36 -9.16
N GLN B 224 29.55 15.86 -10.23
CA GLN B 224 30.87 15.27 -10.10
C GLN B 224 31.98 16.30 -9.91
N VAL B 225 31.71 17.58 -10.16
CA VAL B 225 32.72 18.59 -9.86
C VAL B 225 32.53 19.18 -8.46
N ALA B 226 31.29 19.31 -7.98
CA ALA B 226 31.08 19.87 -6.65
C ALA B 226 31.22 18.82 -5.54
N HIS B 227 30.65 17.62 -5.73
CA HIS B 227 30.64 16.57 -4.73
C HIS B 227 30.98 15.27 -5.46
N GLY B 228 32.26 14.90 -5.49
CA GLY B 228 32.61 13.72 -6.25
C GLY B 228 33.98 13.13 -5.95
N THR B 229 34.06 11.81 -5.98
CA THR B 229 35.29 11.09 -5.69
C THR B 229 35.99 10.76 -7.01
N GLY B 230 37.03 9.94 -6.95
CA GLY B 230 37.82 9.67 -8.15
C GLY B 230 37.22 8.62 -9.05
N TRP B 231 36.49 7.65 -8.50
CA TRP B 231 35.95 6.56 -9.30
C TRP B 231 34.60 6.88 -9.93
N THR B 232 34.05 8.06 -9.71
CA THR B 232 32.78 8.44 -10.31
C THR B 232 32.93 9.06 -11.69
N TRP B 233 34.16 9.42 -12.08
CA TRP B 233 34.41 9.81 -13.46
C TRP B 233 33.97 8.72 -14.41
N ILE B 234 34.19 7.46 -14.03
CA ILE B 234 33.81 6.33 -14.88
C ILE B 234 32.31 6.24 -15.02
N VAL B 235 31.58 6.46 -13.92
CA VAL B 235 30.12 6.42 -13.99
C VAL B 235 29.58 7.54 -14.85
N LEU B 236 30.17 8.74 -14.72
CA LEU B 236 29.72 9.87 -15.54
C LEU B 236 29.98 9.61 -17.02
N ALA B 237 31.17 9.10 -17.35
CA ALA B 237 31.47 8.77 -18.74
C ALA B 237 30.52 7.70 -19.28
N ALA B 238 30.20 6.71 -18.44
CA ALA B 238 29.26 5.67 -18.86
C ALA B 238 27.89 6.26 -19.17
N ALA B 239 27.40 7.14 -18.30
CA ALA B 239 26.10 7.75 -18.53
C ALA B 239 26.09 8.57 -19.82
N VAL B 240 27.14 9.34 -20.06
CA VAL B 240 27.19 10.16 -21.27
C VAL B 240 27.24 9.29 -22.52
N ILE B 241 28.09 8.26 -22.51
CA ILE B 241 28.19 7.37 -23.67
C ILE B 241 26.86 6.68 -23.93
N ALA B 242 26.19 6.22 -22.87
CA ALA B 242 24.91 5.54 -23.04
C ALA B 242 23.85 6.47 -23.61
N GLN B 243 23.84 7.72 -23.16
CA GLN B 243 22.87 8.66 -23.70
C GLN B 243 23.13 8.95 -25.18
N LEU B 244 24.40 9.08 -25.56
CA LEU B 244 24.71 9.27 -26.98
C LEU B 244 24.25 8.07 -27.80
N VAL B 245 24.48 6.86 -27.30
CA VAL B 245 24.07 5.66 -28.01
C VAL B 245 22.56 5.62 -28.17
N ALA B 246 21.83 5.93 -27.10
CA ALA B 246 20.37 5.91 -27.17
C ALA B 246 19.84 6.95 -28.15
N VAL B 247 20.44 8.14 -28.17
CA VAL B 247 20.00 9.17 -29.11
C VAL B 247 20.23 8.72 -30.55
N ALA B 248 21.43 8.19 -30.83
CA ALA B 248 21.72 7.73 -32.18
C ALA B 248 20.81 6.59 -32.59
N GLN B 249 20.42 5.73 -31.65
CA GLN B 249 19.55 4.62 -31.99
C GLN B 249 18.11 5.08 -32.23
N VAL B 250 17.66 6.07 -31.45
CA VAL B 250 16.29 6.55 -31.61
C VAL B 250 16.12 7.29 -32.92
N PHE B 251 17.11 8.11 -33.30
CA PHE B 251 16.96 8.86 -34.54
C PHE B 251 17.01 7.98 -35.78
N ARG B 252 17.37 6.70 -35.66
CA ARG B 252 17.27 5.79 -36.80
C ARG B 252 15.85 5.28 -36.96
N GLY B 253 15.25 4.78 -35.89
CA GLY B 253 13.88 4.33 -35.91
C GLY B 253 13.69 2.84 -36.05
N SER B 254 14.68 2.01 -35.72
CA SER B 254 14.50 0.57 -35.87
C SER B 254 15.03 -0.27 -34.72
N GLY B 255 15.89 0.24 -33.83
CA GLY B 255 16.46 -0.61 -32.83
C GLY B 255 15.51 -0.96 -31.70
N GLU B 256 15.19 0.03 -30.87
CA GLU B 256 14.11 -0.02 -29.89
C GLU B 256 14.36 -0.98 -28.74
N GLY B 257 15.40 -1.80 -28.83
CA GLY B 257 15.80 -2.61 -27.69
C GLY B 257 17.10 -2.13 -27.10
N TRP B 258 18.05 -1.83 -27.98
CA TRP B 258 19.29 -1.18 -27.55
C TRP B 258 19.00 0.20 -26.99
N ALA B 259 18.05 0.91 -27.59
CA ALA B 259 17.68 2.22 -27.10
C ALA B 259 17.03 2.17 -25.73
N PHE B 260 16.50 1.02 -25.32
CA PHE B 260 15.97 0.87 -23.97
C PHE B 260 17.04 0.43 -22.99
N GLY B 261 17.91 -0.50 -23.41
CA GLY B 261 19.05 -0.84 -22.57
C GLY B 261 19.91 0.37 -22.25
N ALA B 262 20.07 1.27 -23.22
CA ALA B 262 20.91 2.45 -23.00
C ALA B 262 20.30 3.40 -21.99
N THR B 263 18.99 3.64 -22.08
CA THR B 263 18.34 4.51 -21.10
C THR B 263 18.32 3.87 -19.71
N SER B 264 18.17 2.55 -19.64
CA SER B 264 18.31 1.88 -18.35
C SER B 264 19.69 2.10 -17.76
N VAL B 265 20.73 2.00 -18.61
CA VAL B 265 22.09 2.26 -18.15
C VAL B 265 22.22 3.69 -17.65
N VAL B 266 21.60 4.65 -18.35
CA VAL B 266 21.69 6.05 -17.95
C VAL B 266 21.06 6.26 -16.57
N VAL B 267 19.88 5.69 -16.36
CA VAL B 267 19.21 5.84 -15.07
C VAL B 267 20.05 5.22 -13.96
N ALA B 268 20.53 4.00 -14.18
CA ALA B 268 21.34 3.34 -13.17
C ALA B 268 22.62 4.13 -12.88
N ALA B 269 23.22 4.73 -13.91
CA ALA B 269 24.44 5.49 -13.71
C ALA B 269 24.18 6.75 -12.91
N VAL B 270 23.04 7.40 -13.15
CA VAL B 270 22.69 8.58 -12.36
C VAL B 270 22.52 8.21 -10.90
N VAL B 271 21.80 7.13 -10.63
CA VAL B 271 21.58 6.73 -9.24
C VAL B 271 22.90 6.36 -8.57
N VAL B 272 23.73 5.59 -9.27
CA VAL B 272 25.01 5.15 -8.70
C VAL B 272 25.92 6.34 -8.44
N LEU B 273 25.88 7.35 -9.32
CA LEU B 273 26.71 8.53 -9.12
C LEU B 273 26.24 9.33 -7.91
N LEU B 274 24.92 9.52 -7.78
CA LEU B 274 24.40 10.23 -6.61
C LEU B 274 24.77 9.52 -5.31
N PHE B 275 24.71 8.18 -5.30
CA PHE B 275 25.00 7.48 -4.05
C PHE B 275 26.49 7.36 -3.77
N GLY B 276 27.32 7.22 -4.81
CA GLY B 276 28.76 7.17 -4.60
C GLY B 276 29.38 8.51 -4.31
N SER B 277 28.73 9.60 -4.70
CA SER B 277 29.13 10.93 -4.29
C SER B 277 28.70 11.25 -2.87
N LEU B 278 28.20 10.25 -2.16
CA LEU B 278 27.64 10.42 -0.82
C LEU B 278 28.07 9.34 0.15
N PHE B 279 28.59 8.19 -0.32
CA PHE B 279 28.80 6.97 0.45
C PHE B 279 29.22 7.16 1.90
N PRO B 280 30.30 7.87 2.21
CA PRO B 280 30.80 7.85 3.60
C PRO B 280 29.77 8.26 4.63
N ASP B 281 28.81 9.12 4.28
CA ASP B 281 27.87 9.64 5.26
C ASP B 281 26.45 9.60 4.69
N LEU B 282 25.50 9.98 5.54
CA LEU B 282 24.10 10.11 5.19
C LEU B 282 23.64 11.48 5.67
N ILE B 283 22.98 12.24 4.80
CA ILE B 283 22.54 13.59 5.14
C ILE B 283 23.70 14.42 5.67
N PRO B 284 24.63 14.86 4.82
CA PRO B 284 25.68 15.77 5.29
C PRO B 284 25.08 17.03 5.88
N SER B 285 25.84 17.67 6.76
CA SER B 285 25.39 18.87 7.47
C SER B 285 26.10 20.08 6.90
N THR B 286 25.31 21.09 6.50
CA THR B 286 25.87 22.35 6.03
C THR B 286 26.20 23.29 7.16
N LEU B 287 25.83 22.97 8.39
CA LEU B 287 26.09 23.82 9.55
C LEU B 287 27.46 23.54 10.17
N ASN B 288 27.85 22.27 10.21
CA ASN B 288 29.12 21.84 10.79
C ASN B 288 29.44 20.45 10.25
N PRO B 289 30.63 20.22 9.70
CA PRO B 289 30.94 18.89 9.16
C PRO B 289 31.34 17.91 10.24
N ASP B 290 30.63 17.95 11.36
CA ASP B 290 30.71 16.96 12.41
C ASP B 290 29.36 16.55 12.94
N TRP B 291 28.32 17.36 12.72
CA TRP B 291 26.95 17.08 13.13
C TRP B 291 26.20 16.27 12.09
N SER B 292 26.89 15.70 11.11
CA SER B 292 26.26 14.99 10.00
C SER B 292 26.19 13.50 10.29
N LEU B 293 25.08 12.89 9.89
CA LEU B 293 24.91 11.46 10.08
C LEU B 293 25.82 10.68 9.14
N THR B 294 26.26 9.52 9.61
CA THR B 294 27.07 8.61 8.81
C THR B 294 26.51 7.21 8.96
N ILE B 295 27.09 6.25 8.22
CA ILE B 295 26.77 4.85 8.44
C ILE B 295 27.38 4.31 9.72
N TYR B 296 28.23 5.09 10.39
CA TYR B 296 28.90 4.65 11.60
C TYR B 296 28.21 5.08 12.88
N ASN B 297 27.42 6.15 12.84
CA ASN B 297 26.62 6.58 13.99
C ASN B 297 25.14 6.61 13.64
N GLY B 298 24.73 5.84 12.65
CA GLY B 298 23.33 5.81 12.26
C GLY B 298 22.75 4.42 12.07
N SER B 299 23.61 3.40 12.09
CA SER B 299 23.16 2.03 11.87
C SER B 299 22.45 1.51 13.12
N SER B 300 21.84 0.32 13.01
CA SER B 300 21.05 -0.19 14.13
C SER B 300 21.91 -0.91 15.17
N SER B 301 22.44 -2.07 14.81
CA SER B 301 23.22 -2.92 15.73
C SER B 301 23.67 -4.15 14.96
N PRO B 302 24.70 -4.87 15.43
CA PRO B 302 25.15 -6.05 14.68
C PRO B 302 24.08 -7.11 14.50
N TYR B 303 23.31 -7.39 15.55
CA TYR B 303 22.33 -8.47 15.49
C TYR B 303 21.22 -8.15 14.49
N THR B 304 20.67 -6.94 14.57
CA THR B 304 19.60 -6.54 13.66
C THR B 304 20.09 -6.54 12.21
N LEU B 305 21.32 -6.06 11.99
CA LEU B 305 21.85 -6.05 10.63
C LEU B 305 22.05 -7.46 10.10
N LYS B 306 22.46 -8.39 10.96
CA LYS B 306 22.63 -9.77 10.52
C LYS B 306 21.30 -10.41 10.17
N ILE B 307 20.28 -10.18 11.00
CA ILE B 307 18.95 -10.74 10.72
C ILE B 307 18.39 -10.16 9.42
N MET B 308 18.51 -8.84 9.25
CA MET B 308 18.03 -8.22 8.02
C MET B 308 18.81 -8.69 6.81
N THR B 309 20.10 -8.97 6.97
CA THR B 309 20.89 -9.48 5.86
C THR B 309 20.40 -10.86 5.44
N TRP B 310 20.11 -11.72 6.41
CA TRP B 310 19.53 -13.02 6.08
C TRP B 310 18.22 -12.85 5.33
N ALA B 311 17.32 -12.03 5.85
CA ALA B 311 16.02 -11.84 5.23
C ALA B 311 16.15 -11.34 3.80
N ALA B 312 17.00 -10.33 3.58
CA ALA B 312 17.18 -9.77 2.25
C ALA B 312 17.80 -10.79 1.30
N LEU B 313 18.95 -11.36 1.68
CA LEU B 313 19.61 -12.32 0.81
C LEU B 313 18.82 -13.60 0.62
N VAL B 314 17.70 -13.78 1.31
CA VAL B 314 16.79 -14.87 0.99
C VAL B 314 15.67 -14.41 0.06
N PHE B 315 15.09 -13.24 0.30
CA PHE B 315 13.84 -12.88 -0.40
C PHE B 315 14.04 -12.02 -1.64
N ALA B 316 15.12 -11.22 -1.73
CA ALA B 316 15.26 -10.34 -2.88
C ALA B 316 15.49 -11.09 -4.19
N PRO B 317 16.38 -12.09 -4.27
CA PRO B 317 16.55 -12.80 -5.54
C PRO B 317 15.27 -13.44 -6.05
N LEU B 318 14.45 -14.01 -5.16
CA LEU B 318 13.20 -14.62 -5.58
C LEU B 318 12.25 -13.58 -6.16
N VAL B 319 12.21 -12.39 -5.55
CA VAL B 319 11.35 -11.32 -6.05
C VAL B 319 11.81 -10.90 -7.44
N VAL B 320 13.11 -10.73 -7.63
CA VAL B 320 13.63 -10.37 -8.94
C VAL B 320 13.27 -11.43 -9.97
N VAL B 321 13.38 -12.71 -9.58
CA VAL B 321 13.10 -13.80 -10.51
C VAL B 321 11.64 -13.76 -10.96
N TYR B 322 10.71 -13.73 -10.02
CA TYR B 322 9.32 -13.83 -10.46
C TYR B 322 8.77 -12.53 -11.03
N GLN B 323 9.39 -11.39 -10.74
CA GLN B 323 8.97 -10.18 -11.45
C GLN B 323 9.53 -10.16 -12.88
N GLY B 324 10.74 -10.65 -13.08
CA GLY B 324 11.21 -10.86 -14.45
C GLY B 324 10.31 -11.81 -15.21
N TRP B 325 9.83 -12.85 -14.54
CA TRP B 325 8.93 -13.79 -15.20
C TRP B 325 7.61 -13.14 -15.55
N THR B 326 7.02 -12.36 -14.64
CA THR B 326 5.75 -11.72 -14.96
C THR B 326 5.91 -10.64 -16.03
N TYR B 327 7.11 -10.06 -16.16
CA TYR B 327 7.36 -9.19 -17.30
C TYR B 327 7.49 -9.98 -18.59
N TRP B 328 8.01 -11.20 -18.51
CA TRP B 328 8.09 -12.06 -19.70
C TRP B 328 6.72 -12.51 -20.17
N VAL B 329 5.82 -12.80 -19.24
CA VAL B 329 4.53 -13.40 -19.60
C VAL B 329 3.71 -12.43 -20.44
N PHE B 330 3.62 -11.17 -20.01
CA PHE B 330 2.76 -10.17 -20.62
C PHE B 330 3.47 -9.33 -21.68
N SER B 331 4.42 -9.92 -22.40
CA SER B 331 5.32 -9.17 -23.27
C SER B 331 5.16 -9.55 -24.73
N LYS B 332 3.92 -9.70 -25.22
CA LYS B 332 3.81 -10.07 -26.61
C LYS B 332 3.96 -8.85 -27.51
N ARG B 333 2.91 -8.02 -27.59
CA ARG B 333 2.95 -6.65 -28.11
C ARG B 333 1.50 -6.18 -28.16
N ILE B 334 1.25 -4.87 -28.20
CA ILE B 334 -0.11 -4.34 -28.10
C ILE B 334 -0.38 -3.42 -29.27
N SER B 335 -1.53 -3.61 -29.92
CA SER B 335 -1.97 -2.71 -30.98
C SER B 335 -3.10 -1.83 -30.47
N ALA B 336 -3.36 -0.76 -31.21
CA ALA B 336 -4.47 0.13 -30.85
C ALA B 336 -5.82 -0.49 -31.19
N ASP B 337 -5.90 -1.27 -32.26
CA ASP B 337 -7.14 -1.98 -32.61
C ASP B 337 -7.15 -3.38 -32.02
N ARG B 338 -6.84 -3.46 -30.73
CA ARG B 338 -6.95 -4.70 -29.97
C ARG B 338 -7.48 -4.46 -28.57
N ILE B 339 -7.83 -3.24 -28.23
CA ILE B 339 -8.36 -2.92 -26.90
C ILE B 339 -9.86 -3.22 -26.89
N PRO B 340 -10.37 -3.99 -25.92
CA PRO B 340 -11.78 -4.34 -25.93
C PRO B 340 -12.66 -3.10 -25.82
N ALA B 341 -13.89 -3.22 -26.32
CA ALA B 341 -14.84 -2.14 -26.22
C ALA B 341 -15.07 -1.79 -24.75
N PRO B 342 -15.35 -0.53 -24.43
CA PRO B 342 -15.54 -0.14 -23.03
C PRO B 342 -16.78 -0.81 -22.46
N ILE B 343 -16.60 -1.56 -21.39
CA ILE B 343 -17.69 -2.23 -20.70
C ILE B 343 -17.73 -1.67 -19.28
N GLY B 344 -18.53 -0.61 -19.10
CA GLY B 344 -18.71 -0.01 -17.80
C GLY B 344 -20.17 0.37 -17.62
N LEU B 345 -20.52 0.68 -16.37
CA LEU B 345 -21.92 0.95 -16.06
C LEU B 345 -22.32 2.31 -16.64
N SER B 346 -23.58 2.68 -16.41
CA SER B 346 -24.27 3.60 -17.31
C SER B 346 -23.80 5.05 -17.26
N ARG B 347 -24.01 5.74 -16.14
CA ARG B 347 -23.92 7.19 -16.15
C ARG B 347 -23.91 7.80 -14.76
N ARG B 348 -24.10 9.12 -14.67
CA ARG B 348 -24.23 9.85 -13.41
C ARG B 348 -22.95 9.75 -12.58
N SER B 349 -21.90 10.37 -13.12
CA SER B 349 -20.64 10.51 -12.40
C SER B 349 -20.87 10.98 -10.97
N SER B 350 -20.50 10.12 -10.01
CA SER B 350 -20.69 10.38 -8.57
C SER B 350 -22.11 10.85 -8.25
#